data_6VR1
#
_entry.id   6VR1
#
_cell.length_a   71.330
_cell.length_b   79.733
_cell.length_c   85.849
_cell.angle_alpha   90.000
_cell.angle_beta   101.680
_cell.angle_gamma   90.000
#
_symmetry.space_group_name_H-M   'P 1 21 1'
#
loop_
_entity.id
_entity.type
_entity.pdbx_description
1 polymer 'MHC class I antigen'
2 polymer Beta-2-microglobulin
3 polymer 'Cellular tumor antigen p53 peptide'
4 water water
#
loop_
_entity_poly.entity_id
_entity_poly.type
_entity_poly.pdbx_seq_one_letter_code
_entity_poly.pdbx_strand_id
1 'polypeptide(L)'
;MGSHSMRYFFTSVSRPGRGEPRFIAVGYVDDTQFVRFDSDAASQRMEPRAPWIEQEGPEYWDGETRKVKAHSQTHRVDLG
TLRGYYNQSEAGSHTVQRMYGCDVGSDWRFLRGYHQYAYDGKDYIALKEDLRSWTAADMAAQTTKHKWEAAHVAEQLRAY
LEGTCVEWLRRYLENGKETLQRTDAPKTHMTHHAVSDHEATLRCWALSFYPAEITLTWQRDGEDQTQDTELVETRPAGDG
TFQKWAAVVVPSGQEQRYTCHVQHEGLPKPLTLRWEGGGLNDIFEAQKIEWHE
;
A,D
2 'polypeptide(L)'
;MIQRTPKIQVYSRHPAENGKSNFLNCYVSGFHPSDIEVDLLKNGERIEKVEHSDLSFSKDWSFYLLYYTEFTPTEKDEYA
CRVNHVTLSQPKIVKWDRDM
;
B,E
3 'polypeptide(L)' HMTEVVRRC P,Q
#
# COMPACT_ATOMS: atom_id res chain seq x y z
N GLY A 2 -4.99 1.92 8.34
CA GLY A 2 -5.74 1.43 7.19
C GLY A 2 -7.13 2.03 7.16
N SER A 3 -8.01 1.22 6.54
CA SER A 3 -9.42 1.51 6.51
C SER A 3 -10.11 0.66 7.60
N HIS A 4 -11.32 1.08 7.98
CA HIS A 4 -12.05 0.50 9.10
C HIS A 4 -13.51 0.37 8.72
N SER A 5 -14.27 -0.43 9.48
CA SER A 5 -15.69 -0.49 9.26
C SER A 5 -16.47 -0.86 10.51
N MET A 6 -17.75 -0.44 10.55
CA MET A 6 -18.73 -0.96 11.48
C MET A 6 -19.81 -1.75 10.73
N ARG A 7 -20.22 -2.90 11.29
CA ARG A 7 -21.29 -3.67 10.68
C ARG A 7 -22.21 -4.19 11.77
N TYR A 8 -23.53 -4.20 11.46
CA TYR A 8 -24.55 -4.91 12.24
C TYR A 8 -25.19 -6.06 11.43
N PHE A 9 -25.47 -7.20 12.11
CA PHE A 9 -25.95 -8.45 11.53
C PHE A 9 -27.14 -8.90 12.37
N PHE A 10 -28.30 -9.04 11.70
CA PHE A 10 -29.59 -9.34 12.30
C PHE A 10 -30.17 -10.53 11.53
N THR A 11 -30.68 -11.49 12.28
CA THR A 11 -31.21 -12.76 11.83
C THR A 11 -32.51 -12.94 12.63
N SER A 12 -33.66 -13.11 11.95
CA SER A 12 -34.90 -13.61 12.54
C SER A 12 -35.32 -14.93 11.86
N VAL A 13 -35.71 -15.93 12.65
CA VAL A 13 -36.06 -17.27 12.18
C VAL A 13 -37.45 -17.58 12.76
N SER A 14 -38.46 -17.80 11.92
CA SER A 14 -39.80 -18.14 12.40
C SER A 14 -39.74 -19.57 12.88
N ARG A 15 -40.51 -19.90 13.93
CA ARG A 15 -40.67 -21.27 14.41
C ARG A 15 -42.14 -21.53 14.66
N PRO A 16 -42.84 -22.12 13.66
CA PRO A 16 -44.28 -22.35 13.72
C PRO A 16 -44.73 -23.24 14.89
N GLY A 17 -45.72 -22.77 15.66
CA GLY A 17 -46.24 -23.50 16.81
C GLY A 17 -45.26 -23.59 17.98
N ARG A 18 -44.02 -23.11 17.77
CA ARG A 18 -43.02 -23.17 18.83
C ARG A 18 -42.71 -21.75 19.30
N GLY A 19 -43.73 -20.86 19.25
CA GLY A 19 -43.65 -19.56 19.88
C GLY A 19 -43.32 -18.44 18.88
N GLU A 20 -42.57 -17.42 19.36
CA GLU A 20 -42.19 -16.23 18.62
C GLU A 20 -40.84 -16.43 17.92
N PRO A 21 -40.48 -15.56 16.95
CA PRO A 21 -39.26 -15.74 16.15
C PRO A 21 -38.00 -15.69 17.02
N ARG A 22 -37.01 -16.54 16.75
CA ARG A 22 -35.69 -16.37 17.32
C ARG A 22 -35.06 -15.16 16.61
N PHE A 23 -34.47 -14.20 17.36
CA PHE A 23 -33.83 -13.01 16.83
C PHE A 23 -32.46 -12.83 17.49
N ILE A 24 -31.42 -12.81 16.68
CA ILE A 24 -30.05 -12.55 17.10
C ILE A 24 -29.49 -11.30 16.40
N ALA A 25 -28.88 -10.40 17.15
CA ALA A 25 -28.33 -9.19 16.54
C ALA A 25 -26.86 -9.09 16.95
N VAL A 26 -26.00 -8.59 16.07
CA VAL A 26 -24.59 -8.60 16.45
C VAL A 26 -23.89 -7.41 15.78
N GLY A 27 -23.05 -6.73 16.58
CA GLY A 27 -22.31 -5.54 16.22
C GLY A 27 -20.80 -5.84 16.16
N TYR A 28 -20.15 -5.21 15.17
CA TYR A 28 -18.78 -5.43 14.74
C TYR A 28 -18.10 -4.08 14.45
N VAL A 29 -16.85 -3.98 14.90
CA VAL A 29 -15.92 -3.03 14.34
C VAL A 29 -14.76 -3.85 13.73
N ASP A 30 -14.56 -3.68 12.40
CA ASP A 30 -13.64 -4.51 11.65
C ASP A 30 -13.93 -5.94 12.06
N ASP A 31 -13.00 -6.60 12.75
CA ASP A 31 -13.11 -8.06 12.83
C ASP A 31 -13.38 -8.48 14.28
N THR A 32 -13.73 -7.49 15.16
CA THR A 32 -13.95 -7.54 16.61
C THR A 32 -15.43 -7.24 16.92
N GLN A 33 -16.08 -8.26 17.52
CA GLN A 33 -17.48 -8.17 17.94
C GLN A 33 -17.61 -7.44 19.28
N PHE A 34 -18.52 -6.43 19.32
CA PHE A 34 -18.56 -5.56 20.49
C PHE A 34 -19.90 -5.54 21.21
N VAL A 35 -20.92 -6.18 20.64
CA VAL A 35 -22.31 -6.01 21.04
C VAL A 35 -23.13 -7.24 20.59
N ARG A 36 -24.21 -7.54 21.33
CA ARG A 36 -25.05 -8.67 20.92
C ARG A 36 -26.40 -8.58 21.63
N PHE A 37 -27.41 -9.17 21.00
CA PHE A 37 -28.70 -9.35 21.62
C PHE A 37 -29.21 -10.76 21.28
N ASP A 38 -29.79 -11.51 22.21
CA ASP A 38 -30.34 -12.83 21.90
C ASP A 38 -31.77 -12.89 22.45
N SER A 39 -32.78 -13.01 21.59
CA SER A 39 -34.17 -12.91 22.05
C SER A 39 -34.46 -13.96 23.12
N ASP A 40 -33.65 -15.02 23.19
CA ASP A 40 -33.92 -16.18 24.03
C ASP A 40 -32.99 -16.23 25.24
N ALA A 41 -32.16 -15.19 25.42
CA ALA A 41 -31.35 -14.97 26.62
C ALA A 41 -32.21 -14.32 27.69
N ALA A 42 -31.68 -14.32 28.91
CA ALA A 42 -32.43 -13.89 30.08
C ALA A 42 -32.53 -12.37 30.20
N SER A 43 -31.55 -11.62 29.70
CA SER A 43 -31.43 -10.22 30.08
C SER A 43 -32.52 -9.43 29.37
N GLN A 44 -32.77 -9.85 28.14
CA GLN A 44 -33.59 -9.01 27.27
C GLN A 44 -32.98 -7.61 27.13
N ARG A 45 -31.63 -7.50 27.21
CA ARG A 45 -30.90 -6.25 26.96
C ARG A 45 -29.79 -6.40 25.91
N MET A 46 -29.48 -5.30 25.22
CA MET A 46 -28.26 -5.31 24.43
C MET A 46 -27.07 -5.58 25.36
N GLU A 47 -26.07 -6.37 24.97
CA GLU A 47 -25.05 -6.72 25.95
C GLU A 47 -23.68 -6.47 25.36
N PRO A 48 -22.69 -5.91 26.10
CA PRO A 48 -21.33 -5.72 25.61
C PRO A 48 -20.58 -7.05 25.42
N ARG A 49 -19.65 -7.05 24.45
CA ARG A 49 -18.85 -8.22 24.09
C ARG A 49 -17.39 -7.87 23.88
N ALA A 50 -17.10 -6.56 23.97
CA ALA A 50 -15.73 -6.08 24.01
C ALA A 50 -15.52 -5.21 25.26
N PRO A 51 -14.34 -5.24 25.90
CA PRO A 51 -14.10 -4.36 27.06
C PRO A 51 -14.38 -2.88 26.78
N TRP A 52 -13.94 -2.33 25.66
CA TRP A 52 -13.97 -0.87 25.46
C TRP A 52 -15.40 -0.30 25.34
N ILE A 53 -16.41 -1.15 25.05
CA ILE A 53 -17.75 -0.59 24.91
C ILE A 53 -18.36 -0.32 26.29
N GLU A 54 -17.70 -0.80 27.35
CA GLU A 54 -18.24 -0.63 28.70
C GLU A 54 -18.06 0.83 29.11
N GLN A 55 -17.11 1.55 28.50
CA GLN A 55 -16.97 3.02 28.65
C GLN A 55 -18.24 3.81 28.34
N GLU A 56 -19.27 3.16 27.77
CA GLU A 56 -20.55 3.78 27.42
C GLU A 56 -21.48 3.80 28.62
N GLY A 57 -22.32 4.85 28.73
CA GLY A 57 -23.10 5.00 29.95
C GLY A 57 -24.46 4.31 29.84
N PRO A 58 -25.29 4.38 30.90
CA PRO A 58 -26.65 3.84 30.85
C PRO A 58 -27.53 4.28 29.68
N GLU A 59 -27.42 5.56 29.20
CA GLU A 59 -28.30 6.07 28.14
C GLU A 59 -28.01 5.31 26.83
N TYR A 60 -26.74 4.96 26.66
CA TYR A 60 -26.37 4.18 25.51
C TYR A 60 -27.09 2.83 25.65
N TRP A 61 -26.88 2.11 26.76
CA TRP A 61 -27.46 0.77 26.84
C TRP A 61 -28.97 0.81 26.71
N ASP A 62 -29.55 1.89 27.25
CA ASP A 62 -30.99 2.04 27.20
C ASP A 62 -31.42 2.40 25.80
N GLY A 63 -30.60 3.18 25.07
CA GLY A 63 -30.93 3.52 23.68
C GLY A 63 -30.80 2.33 22.73
N GLU A 64 -29.77 1.48 22.93
CA GLU A 64 -29.45 0.31 22.06
C GLU A 64 -30.48 -0.78 22.28
N THR A 65 -30.87 -1.02 23.54
CA THR A 65 -31.89 -2.01 23.84
C THR A 65 -33.20 -1.57 23.20
N ARG A 66 -33.63 -0.31 23.40
CA ARG A 66 -34.86 0.20 22.78
C ARG A 66 -34.82 -0.09 21.28
N LYS A 67 -33.72 0.26 20.58
CA LYS A 67 -33.53 0.01 19.15
C LYS A 67 -33.51 -1.49 18.78
N VAL A 68 -32.66 -2.31 19.41
CA VAL A 68 -32.58 -3.70 19.00
C VAL A 68 -33.96 -4.37 19.15
N LYS A 69 -34.68 -4.04 20.21
CA LYS A 69 -36.04 -4.55 20.32
C LYS A 69 -36.93 -4.03 19.17
N ALA A 70 -36.79 -2.76 18.74
CA ALA A 70 -37.65 -2.31 17.65
C ALA A 70 -37.27 -3.06 16.37
N HIS A 71 -35.97 -3.37 16.18
CA HIS A 71 -35.55 -4.16 15.02
C HIS A 71 -36.19 -5.54 15.06
N SER A 72 -36.28 -6.11 16.25
CA SER A 72 -36.83 -7.45 16.38
C SER A 72 -38.33 -7.41 16.07
N GLN A 73 -38.99 -6.39 16.61
CA GLN A 73 -40.40 -6.22 16.32
C GLN A 73 -40.67 -6.12 14.81
N THR A 74 -39.81 -5.39 14.04
CA THR A 74 -40.05 -5.25 12.61
C THR A 74 -39.79 -6.55 11.87
N HIS A 75 -38.81 -7.37 12.32
CA HIS A 75 -38.51 -8.67 11.71
C HIS A 75 -39.60 -9.68 11.99
N ARG A 76 -40.17 -9.57 13.19
CA ARG A 76 -41.38 -10.33 13.50
C ARG A 76 -42.48 -9.95 12.50
N VAL A 77 -42.67 -8.64 12.21
CA VAL A 77 -43.76 -8.38 11.26
C VAL A 77 -43.35 -8.86 9.86
N ASP A 78 -42.12 -8.55 9.43
CA ASP A 78 -41.70 -8.95 8.09
C ASP A 78 -41.89 -10.46 7.81
N LEU A 79 -41.58 -11.38 8.76
CA LEU A 79 -41.68 -12.82 8.48
C LEU A 79 -43.09 -13.21 8.00
N GLY A 80 -44.09 -12.73 8.74
CA GLY A 80 -45.48 -12.70 8.29
C GLY A 80 -45.69 -12.02 6.94
N THR A 81 -45.24 -10.78 6.75
CA THR A 81 -45.48 -10.12 5.47
C THR A 81 -44.88 -10.94 4.31
N LEU A 82 -43.58 -11.27 4.41
CA LEU A 82 -42.89 -12.02 3.36
C LEU A 82 -43.67 -13.29 2.99
N ARG A 83 -44.23 -13.99 3.97
CA ARG A 83 -44.97 -15.22 3.77
C ARG A 83 -46.11 -15.00 2.79
N GLY A 84 -46.96 -13.98 3.04
CA GLY A 84 -47.90 -13.44 2.07
C GLY A 84 -47.24 -13.12 0.72
N TYR A 85 -46.21 -12.26 0.68
CA TYR A 85 -45.70 -11.89 -0.64
C TYR A 85 -45.30 -13.13 -1.42
N TYR A 86 -44.93 -14.23 -0.74
CA TYR A 86 -44.39 -15.36 -1.49
C TYR A 86 -45.42 -16.49 -1.62
N ASN A 87 -46.60 -16.30 -1.00
CA ASN A 87 -47.69 -17.26 -0.93
C ASN A 87 -47.16 -18.56 -0.35
N GLN A 88 -46.60 -18.50 0.86
CA GLN A 88 -46.09 -19.69 1.54
C GLN A 88 -47.03 -20.08 2.69
N SER A 89 -46.96 -21.35 3.09
CA SER A 89 -47.78 -21.89 4.18
C SER A 89 -47.14 -21.54 5.52
N GLU A 90 -47.91 -21.67 6.61
CA GLU A 90 -47.47 -21.33 7.96
C GLU A 90 -46.70 -22.47 8.63
N ALA A 91 -46.42 -23.54 7.89
CA ALA A 91 -45.85 -24.72 8.51
C ALA A 91 -44.33 -24.65 8.54
N GLY A 92 -43.74 -24.08 7.47
CA GLY A 92 -42.29 -24.07 7.37
C GLY A 92 -41.67 -22.95 8.21
N SER A 93 -40.38 -23.12 8.44
CA SER A 93 -39.47 -22.12 8.98
C SER A 93 -38.87 -21.22 7.87
N HIS A 94 -38.75 -19.92 8.14
CA HIS A 94 -38.16 -18.97 7.20
C HIS A 94 -37.29 -17.96 7.96
N THR A 95 -36.36 -17.33 7.24
CA THR A 95 -35.28 -16.50 7.77
C THR A 95 -35.27 -15.11 7.13
N VAL A 96 -35.27 -14.04 7.94
CA VAL A 96 -34.99 -12.68 7.47
C VAL A 96 -33.63 -12.26 8.01
N GLN A 97 -32.81 -11.64 7.14
CA GLN A 97 -31.50 -11.18 7.50
C GLN A 97 -31.38 -9.74 7.01
N ARG A 98 -30.69 -8.94 7.84
CA ARG A 98 -30.44 -7.55 7.56
C ARG A 98 -29.00 -7.29 7.97
N MET A 99 -28.29 -6.47 7.18
CA MET A 99 -26.92 -6.05 7.45
C MET A 99 -26.77 -4.59 7.02
N TYR A 100 -26.11 -3.79 7.89
CA TYR A 100 -25.82 -2.42 7.51
C TYR A 100 -24.57 -1.94 8.22
N GLY A 101 -23.96 -0.87 7.69
CA GLY A 101 -22.90 -0.12 8.34
C GLY A 101 -22.06 0.61 7.29
N CYS A 102 -20.89 1.14 7.68
CA CYS A 102 -20.10 2.12 6.95
C CYS A 102 -18.63 1.72 6.95
N ASP A 103 -17.91 2.19 5.89
CA ASP A 103 -16.49 1.99 5.70
C ASP A 103 -15.88 3.38 5.68
N VAL A 104 -14.76 3.48 6.38
CA VAL A 104 -13.91 4.67 6.34
C VAL A 104 -12.51 4.26 5.88
N GLY A 105 -11.87 5.18 5.14
CA GLY A 105 -10.50 4.96 4.71
C GLY A 105 -9.50 5.45 5.76
N SER A 106 -8.21 5.51 5.37
CA SER A 106 -7.07 5.70 6.26
C SER A 106 -7.28 7.00 7.00
N ASP A 107 -7.94 7.96 6.34
CA ASP A 107 -8.17 9.27 6.90
C ASP A 107 -9.45 9.25 7.75
N TRP A 108 -9.97 8.05 8.04
CA TRP A 108 -11.23 7.90 8.77
C TRP A 108 -12.39 8.75 8.19
N ARG A 109 -12.43 9.01 6.87
CA ARG A 109 -13.60 9.66 6.30
C ARG A 109 -14.43 8.65 5.50
N PHE A 110 -15.68 9.06 5.22
CA PHE A 110 -16.65 8.14 4.68
C PHE A 110 -16.12 7.73 3.31
N LEU A 111 -16.05 6.40 3.09
CA LEU A 111 -15.87 5.79 1.78
C LEU A 111 -17.20 5.26 1.21
N ARG A 112 -17.94 4.50 2.02
CA ARG A 112 -19.00 3.63 1.49
C ARG A 112 -19.93 3.21 2.65
N GLY A 113 -21.22 3.04 2.31
CA GLY A 113 -22.23 2.56 3.23
C GLY A 113 -23.08 1.48 2.57
N TYR A 114 -23.75 0.66 3.39
CA TYR A 114 -24.48 -0.49 2.91
C TYR A 114 -25.70 -0.69 3.81
N HIS A 115 -26.73 -1.33 3.28
CA HIS A 115 -28.00 -1.66 3.93
C HIS A 115 -28.72 -2.69 3.03
N GLN A 116 -28.74 -3.97 3.43
CA GLN A 116 -29.26 -5.03 2.56
C GLN A 116 -30.11 -6.03 3.36
N TYR A 117 -31.11 -6.64 2.70
CA TYR A 117 -32.06 -7.57 3.31
C TYR A 117 -32.09 -8.86 2.50
N ALA A 118 -32.19 -10.00 3.21
CA ALA A 118 -32.26 -11.29 2.54
C ALA A 118 -33.46 -12.07 3.08
N TYR A 119 -34.18 -12.80 2.21
CA TYR A 119 -35.26 -13.67 2.67
C TYR A 119 -34.86 -15.09 2.31
N ASP A 120 -34.84 -16.02 3.30
CA ASP A 120 -34.50 -17.41 3.09
C ASP A 120 -33.26 -17.60 2.23
N GLY A 121 -32.15 -16.89 2.51
CA GLY A 121 -30.88 -17.22 1.89
C GLY A 121 -30.54 -16.45 0.61
N LYS A 122 -31.41 -15.52 0.20
CA LYS A 122 -31.15 -14.82 -1.06
C LYS A 122 -31.52 -13.35 -0.90
N ASP A 123 -30.84 -12.50 -1.63
CA ASP A 123 -31.17 -11.07 -1.67
C ASP A 123 -32.67 -10.80 -1.83
N TYR A 124 -33.13 -9.94 -1.00
CA TYR A 124 -34.50 -9.48 -1.07
C TYR A 124 -34.52 -8.03 -1.62
N ILE A 125 -33.93 -7.04 -0.90
CA ILE A 125 -33.82 -5.61 -1.29
C ILE A 125 -32.55 -5.09 -0.60
N ALA A 126 -31.77 -4.31 -1.34
CA ALA A 126 -30.64 -3.55 -0.85
C ALA A 126 -30.72 -2.07 -1.29
N LEU A 127 -29.93 -1.24 -0.60
CA LEU A 127 -29.71 0.17 -0.94
C LEU A 127 -28.51 0.25 -1.89
N LYS A 128 -28.69 0.90 -3.06
CA LYS A 128 -27.63 1.10 -4.03
C LYS A 128 -26.51 1.94 -3.43
N GLU A 129 -25.32 1.88 -4.04
CA GLU A 129 -24.15 2.56 -3.52
C GLU A 129 -24.32 4.08 -3.45
N ASP A 130 -25.26 4.67 -4.22
CA ASP A 130 -25.45 6.12 -4.05
C ASP A 130 -26.25 6.46 -2.79
N LEU A 131 -26.77 5.41 -2.09
CA LEU A 131 -27.59 5.53 -0.88
C LEU A 131 -28.82 6.41 -1.16
N ARG A 132 -29.44 6.28 -2.35
CA ARG A 132 -30.56 7.17 -2.68
C ARG A 132 -31.65 6.40 -3.41
N SER A 133 -31.36 5.14 -3.75
CA SER A 133 -32.35 4.30 -4.40
C SER A 133 -32.12 2.84 -3.99
N TRP A 134 -33.05 2.00 -4.41
CA TRP A 134 -33.18 0.62 -3.98
C TRP A 134 -33.07 -0.29 -5.19
N THR A 135 -32.48 -1.47 -4.99
CA THR A 135 -32.50 -2.57 -5.93
C THR A 135 -33.29 -3.69 -5.28
N ALA A 136 -34.44 -4.03 -5.87
CA ALA A 136 -35.37 -5.12 -5.60
C ALA A 136 -34.88 -6.29 -6.42
N ALA A 137 -34.57 -7.42 -5.76
CA ALA A 137 -33.98 -8.61 -6.35
C ALA A 137 -34.99 -9.37 -7.25
N ASP A 138 -36.28 -9.10 -7.07
CA ASP A 138 -37.34 -9.83 -7.75
C ASP A 138 -38.59 -8.93 -7.75
N MET A 139 -39.71 -9.51 -8.19
CA MET A 139 -40.96 -8.78 -8.38
C MET A 139 -41.63 -8.49 -7.03
N ALA A 140 -41.50 -9.42 -6.07
CA ALA A 140 -42.09 -9.28 -4.75
C ALA A 140 -41.46 -8.11 -4.01
N ALA A 141 -40.15 -7.94 -4.19
CA ALA A 141 -39.45 -6.90 -3.46
C ALA A 141 -39.86 -5.52 -4.00
N GLN A 142 -40.64 -5.46 -5.07
CA GLN A 142 -41.05 -4.21 -5.70
C GLN A 142 -42.06 -3.56 -4.78
N THR A 143 -42.82 -4.42 -4.09
CA THR A 143 -43.85 -3.87 -3.19
C THR A 143 -43.20 -3.12 -2.03
N THR A 144 -42.05 -3.63 -1.54
CA THR A 144 -41.33 -3.06 -0.42
C THR A 144 -40.70 -1.74 -0.86
N LYS A 145 -39.97 -1.81 -1.97
CA LYS A 145 -39.29 -0.68 -2.52
C LYS A 145 -40.28 0.48 -2.69
N HIS A 146 -41.47 0.22 -3.21
CA HIS A 146 -42.45 1.29 -3.34
C HIS A 146 -42.81 1.84 -1.97
N LYS A 147 -42.97 1.03 -0.91
CA LYS A 147 -43.35 1.57 0.40
C LYS A 147 -42.26 2.49 1.04
N TRP A 148 -41.01 2.06 0.97
CA TRP A 148 -39.86 2.78 1.47
C TRP A 148 -39.59 4.02 0.59
N GLU A 149 -39.86 3.98 -0.72
CA GLU A 149 -39.73 5.23 -1.49
C GLU A 149 -40.74 6.27 -0.99
N ALA A 150 -41.92 5.78 -0.55
CA ALA A 150 -43.04 6.64 -0.16
C ALA A 150 -42.75 7.35 1.15
N ALA A 151 -42.10 6.61 2.05
CA ALA A 151 -41.83 7.02 3.42
C ALA A 151 -40.44 7.61 3.58
N HIS A 152 -39.72 7.84 2.48
CA HIS A 152 -38.44 8.52 2.45
C HIS A 152 -37.38 7.79 3.27
N VAL A 153 -37.32 6.47 3.23
CA VAL A 153 -36.42 5.73 4.13
C VAL A 153 -34.98 5.92 3.68
N ALA A 154 -34.75 5.93 2.36
CA ALA A 154 -33.39 6.10 1.87
C ALA A 154 -32.73 7.28 2.55
N GLU A 155 -33.41 8.45 2.50
CA GLU A 155 -32.80 9.68 3.00
C GLU A 155 -32.44 9.52 4.48
N GLN A 156 -33.33 8.94 5.28
CA GLN A 156 -33.02 8.72 6.68
C GLN A 156 -31.84 7.77 6.87
N LEU A 157 -31.67 6.78 6.00
CA LEU A 157 -30.59 5.79 6.14
C LEU A 157 -29.25 6.40 5.72
N ARG A 158 -29.30 7.30 4.72
CA ARG A 158 -28.11 7.98 4.21
C ARG A 158 -27.54 8.86 5.33
N ALA A 159 -28.42 9.70 5.90
CA ALA A 159 -28.01 10.50 7.04
C ALA A 159 -27.27 9.56 8.03
N TYR A 160 -27.84 8.38 8.33
CA TYR A 160 -27.18 7.44 9.25
C TYR A 160 -25.80 7.00 8.78
N LEU A 161 -25.77 6.57 7.52
CA LEU A 161 -24.62 5.92 6.95
C LEU A 161 -23.48 6.88 6.65
N GLU A 162 -23.81 8.16 6.40
CA GLU A 162 -22.76 9.12 6.06
C GLU A 162 -22.30 9.91 7.28
N GLY A 163 -23.13 10.00 8.31
CA GLY A 163 -22.83 10.80 9.48
C GLY A 163 -22.72 9.92 10.73
N THR A 164 -23.87 9.65 11.35
CA THR A 164 -23.97 8.92 12.60
C THR A 164 -23.08 7.67 12.62
N CYS A 165 -22.99 6.98 11.52
CA CYS A 165 -22.35 5.68 11.53
C CYS A 165 -20.87 5.93 11.71
N VAL A 166 -20.40 6.99 11.05
CA VAL A 166 -18.98 7.11 10.86
C VAL A 166 -18.48 7.83 12.09
N GLU A 167 -19.30 8.77 12.60
CA GLU A 167 -19.00 9.49 13.83
C GLU A 167 -18.81 8.46 14.94
N TRP A 168 -19.74 7.53 15.11
CA TRP A 168 -19.60 6.55 16.16
C TRP A 168 -18.50 5.52 15.87
N LEU A 169 -18.23 5.27 14.59
CA LEU A 169 -17.15 4.36 14.20
C LEU A 169 -15.81 4.92 14.72
N ARG A 170 -15.63 6.22 14.42
CA ARG A 170 -14.47 6.94 14.92
C ARG A 170 -14.35 6.80 16.43
N ARG A 171 -15.38 7.23 17.15
CA ARG A 171 -15.40 7.19 18.60
C ARG A 171 -14.97 5.80 19.14
N TYR A 172 -15.42 4.75 18.48
CA TYR A 172 -15.09 3.40 18.95
C TYR A 172 -13.57 3.15 18.85
N LEU A 173 -13.01 3.68 17.77
CA LEU A 173 -11.63 3.44 17.37
C LEU A 173 -10.66 4.14 18.32
N GLU A 174 -11.06 5.36 18.72
CA GLU A 174 -10.41 6.10 19.77
C GLU A 174 -10.56 5.32 21.07
N ASN A 175 -11.81 5.04 21.49
CA ASN A 175 -12.06 4.46 22.81
C ASN A 175 -11.35 3.10 22.95
N GLY A 176 -11.24 2.32 21.88
CA GLY A 176 -10.72 0.98 22.00
C GLY A 176 -9.37 0.85 21.29
N LYS A 177 -8.69 2.01 21.18
CA LYS A 177 -7.46 2.10 20.43
C LYS A 177 -6.53 0.91 20.73
N GLU A 178 -6.36 0.55 22.01
CA GLU A 178 -5.41 -0.51 22.37
C GLU A 178 -5.69 -1.85 21.68
N THR A 179 -6.96 -2.12 21.31
CA THR A 179 -7.32 -3.37 20.66
C THR A 179 -7.61 -3.21 19.14
N LEU A 180 -8.54 -2.33 18.83
CA LEU A 180 -9.00 -2.06 17.47
C LEU A 180 -7.87 -1.52 16.60
N GLN A 181 -6.91 -0.77 17.16
CA GLN A 181 -5.90 -0.25 16.26
C GLN A 181 -4.61 -1.07 16.36
N ARG A 182 -4.61 -2.28 16.95
CA ARG A 182 -3.38 -3.06 16.97
C ARG A 182 -3.18 -3.74 15.60
N THR A 183 -1.93 -4.16 15.37
CA THR A 183 -1.72 -5.19 14.38
C THR A 183 -0.97 -6.37 15.01
N ASP A 184 -1.53 -7.57 14.96
CA ASP A 184 -0.74 -8.75 15.28
C ASP A 184 -0.35 -9.43 13.98
N ALA A 185 0.95 -9.38 13.59
CA ALA A 185 1.58 -10.09 12.47
C ALA A 185 1.47 -11.60 12.67
N PRO A 186 1.27 -12.38 11.60
CA PRO A 186 1.16 -13.85 11.76
C PRO A 186 2.45 -14.43 12.33
N LYS A 187 2.30 -15.36 13.27
CA LYS A 187 3.39 -16.27 13.56
C LYS A 187 3.31 -17.34 12.50
N THR A 188 4.39 -17.50 11.69
CA THR A 188 4.37 -18.41 10.54
C THR A 188 5.35 -19.58 10.71
N HIS A 189 5.05 -20.69 10.03
CA HIS A 189 5.95 -21.85 9.92
C HIS A 189 5.38 -22.78 8.83
N MET A 190 6.22 -23.71 8.32
CA MET A 190 5.84 -24.76 7.38
C MET A 190 5.89 -26.15 8.02
N THR A 191 5.06 -27.08 7.50
CA THR A 191 5.12 -28.48 7.91
C THR A 191 5.18 -29.39 6.68
N HIS A 192 5.66 -30.62 6.93
CA HIS A 192 5.90 -31.59 5.87
C HIS A 192 5.28 -32.92 6.30
N HIS A 193 4.53 -33.55 5.41
CA HIS A 193 3.85 -34.81 5.67
C HIS A 193 3.82 -35.59 4.37
N ALA A 194 4.29 -36.85 4.45
CA ALA A 194 4.47 -37.67 3.26
C ALA A 194 3.19 -38.45 3.01
N VAL A 195 2.68 -38.35 1.78
CA VAL A 195 1.46 -39.02 1.34
C VAL A 195 1.78 -40.46 0.88
N SER A 196 2.94 -40.64 0.24
CA SER A 196 3.44 -41.94 -0.20
C SER A 196 4.93 -41.77 -0.48
N ASP A 197 5.51 -42.70 -1.26
CA ASP A 197 6.90 -42.59 -1.65
C ASP A 197 7.08 -41.47 -2.70
N HIS A 198 5.97 -41.01 -3.28
CA HIS A 198 6.03 -40.22 -4.50
C HIS A 198 5.69 -38.76 -4.23
N GLU A 199 4.80 -38.55 -3.25
CA GLU A 199 4.26 -37.21 -3.03
C GLU A 199 4.38 -36.78 -1.57
N ALA A 200 4.59 -35.47 -1.37
CA ALA A 200 4.42 -34.86 -0.06
C ALA A 200 3.53 -33.59 -0.07
N THR A 201 2.92 -33.32 1.10
CA THR A 201 2.12 -32.14 1.38
C THR A 201 2.98 -31.12 2.14
N LEU A 202 3.12 -29.91 1.57
CA LEU A 202 3.62 -28.80 2.36
C LEU A 202 2.42 -27.98 2.83
N ARG A 203 2.47 -27.54 4.10
CA ARG A 203 1.44 -26.72 4.70
C ARG A 203 2.10 -25.51 5.36
N CYS A 204 1.69 -24.36 4.86
CA CYS A 204 2.11 -23.05 5.29
C CYS A 204 0.98 -22.49 6.16
N TRP A 205 1.36 -22.19 7.41
CA TRP A 205 0.51 -21.78 8.52
C TRP A 205 0.72 -20.30 8.80
N ALA A 206 -0.40 -19.57 8.99
CA ALA A 206 -0.42 -18.23 9.59
C ALA A 206 -1.27 -18.28 10.86
N LEU A 207 -0.70 -17.90 12.01
CA LEU A 207 -1.39 -18.06 13.29
C LEU A 207 -1.38 -16.72 14.04
N SER A 208 -2.36 -16.54 14.91
CA SER A 208 -2.39 -15.42 15.83
C SER A 208 -2.28 -14.05 15.14
N PHE A 209 -2.95 -13.87 14.03
CA PHE A 209 -2.82 -12.55 13.41
C PHE A 209 -4.09 -11.73 13.60
N TYR A 210 -3.95 -10.40 13.46
CA TYR A 210 -5.07 -9.47 13.53
C TYR A 210 -4.71 -8.21 12.71
N PRO A 211 -5.66 -7.60 11.94
CA PRO A 211 -6.97 -8.22 11.64
C PRO A 211 -6.92 -9.51 10.84
N ALA A 212 -8.09 -9.93 10.30
CA ALA A 212 -8.34 -11.23 9.72
C ALA A 212 -7.91 -11.32 8.26
N GLU A 213 -7.96 -10.19 7.54
CA GLU A 213 -7.52 -10.11 6.15
C GLU A 213 -6.08 -10.59 6.02
N ILE A 214 -5.82 -11.50 5.11
CA ILE A 214 -4.50 -12.07 4.92
C ILE A 214 -4.49 -12.73 3.56
N THR A 215 -3.32 -12.79 2.89
CA THR A 215 -3.17 -13.63 1.71
C THR A 215 -2.13 -14.74 1.91
N LEU A 216 -2.44 -15.96 1.52
CA LEU A 216 -1.38 -16.95 1.37
C LEU A 216 -1.41 -17.46 -0.06
N THR A 217 -0.24 -17.48 -0.72
CA THR A 217 -0.10 -17.97 -2.09
C THR A 217 1.18 -18.79 -2.26
N TRP A 218 1.04 -19.98 -2.84
CA TRP A 218 2.18 -20.80 -3.24
C TRP A 218 2.81 -20.34 -4.57
N GLN A 219 4.16 -20.42 -4.61
CA GLN A 219 4.94 -20.28 -5.82
C GLN A 219 5.78 -21.54 -6.02
N ARG A 220 5.91 -21.93 -7.31
CA ARG A 220 6.98 -22.79 -7.77
C ARG A 220 7.95 -22.06 -8.69
N ASP A 221 9.25 -22.19 -8.35
CA ASP A 221 10.35 -21.45 -8.97
C ASP A 221 9.93 -20.05 -9.37
N GLY A 222 9.37 -19.28 -8.43
CA GLY A 222 9.10 -17.87 -8.68
C GLY A 222 7.81 -17.60 -9.47
N GLU A 223 7.05 -18.64 -9.81
CA GLU A 223 5.81 -18.42 -10.52
C GLU A 223 4.63 -18.90 -9.67
N ASP A 224 3.48 -18.23 -9.79
CA ASP A 224 2.26 -18.58 -9.08
C ASP A 224 1.88 -20.01 -9.37
N GLN A 225 1.49 -20.73 -8.34
CA GLN A 225 1.09 -22.12 -8.43
C GLN A 225 -0.25 -22.21 -7.73
N THR A 226 -1.25 -22.76 -8.44
CA THR A 226 -2.57 -23.00 -7.90
C THR A 226 -2.95 -24.48 -7.98
N GLN A 227 -2.35 -25.22 -8.91
CA GLN A 227 -2.73 -26.60 -9.13
C GLN A 227 -2.19 -27.45 -7.96
N ASP A 228 -3.00 -28.36 -7.43
CA ASP A 228 -2.64 -29.25 -6.35
C ASP A 228 -2.35 -28.46 -5.06
N THR A 229 -3.09 -27.34 -4.89
CA THR A 229 -3.08 -26.60 -3.65
C THR A 229 -4.41 -26.69 -2.90
N GLU A 230 -4.41 -26.17 -1.67
CA GLU A 230 -5.57 -26.30 -0.81
C GLU A 230 -5.51 -25.15 0.21
N LEU A 231 -6.60 -24.40 0.30
CA LEU A 231 -6.67 -23.18 1.10
C LEU A 231 -7.90 -23.32 2.00
N VAL A 232 -7.74 -23.19 3.33
CA VAL A 232 -8.93 -23.19 4.18
C VAL A 232 -9.41 -21.76 4.39
N GLU A 233 -10.71 -21.64 4.72
CA GLU A 233 -11.23 -20.37 5.19
C GLU A 233 -10.56 -19.95 6.50
N THR A 234 -10.13 -18.68 6.51
CA THR A 234 -9.69 -18.00 7.69
C THR A 234 -10.66 -18.32 8.82
N ARG A 235 -10.13 -18.78 9.97
CA ARG A 235 -10.98 -19.24 11.05
C ARG A 235 -10.61 -18.47 12.32
N PRO A 236 -11.55 -18.25 13.29
CA PRO A 236 -11.17 -17.62 14.57
C PRO A 236 -10.56 -18.60 15.60
N ALA A 237 -9.50 -18.17 16.32
CA ALA A 237 -8.75 -18.81 17.41
C ALA A 237 -9.50 -18.86 18.75
N GLY A 238 -10.31 -17.80 18.98
CA GLY A 238 -11.25 -17.70 20.09
C GLY A 238 -10.68 -16.79 21.17
N ASP A 239 -9.56 -16.14 20.85
CA ASP A 239 -8.94 -15.12 21.69
C ASP A 239 -8.87 -13.77 20.97
N GLY A 240 -9.63 -13.62 19.88
CA GLY A 240 -9.62 -12.38 19.10
C GLY A 240 -8.59 -12.37 17.96
N THR A 241 -7.79 -13.45 17.80
CA THR A 241 -6.85 -13.58 16.69
C THR A 241 -7.41 -14.59 15.69
N PHE A 242 -6.78 -14.68 14.51
CA PHE A 242 -7.29 -15.57 13.46
C PHE A 242 -6.21 -16.58 13.00
N GLN A 243 -6.63 -17.60 12.29
CA GLN A 243 -5.71 -18.62 11.80
C GLN A 243 -6.12 -18.93 10.36
N LYS A 244 -5.19 -19.54 9.59
CA LYS A 244 -5.38 -19.91 8.19
C LYS A 244 -4.18 -20.74 7.74
N TRP A 245 -4.39 -21.65 6.78
CA TRP A 245 -3.26 -22.40 6.23
C TRP A 245 -3.57 -22.72 4.77
N ALA A 246 -2.49 -23.03 4.03
CA ALA A 246 -2.52 -23.39 2.62
C ALA A 246 -1.54 -24.55 2.43
N ALA A 247 -1.88 -25.47 1.53
CA ALA A 247 -1.11 -26.70 1.33
C ALA A 247 -0.86 -26.89 -0.17
N VAL A 248 0.22 -27.59 -0.50
CA VAL A 248 0.44 -28.00 -1.88
C VAL A 248 1.00 -29.40 -1.83
N VAL A 249 0.63 -30.19 -2.86
CA VAL A 249 1.10 -31.55 -3.03
C VAL A 249 2.17 -31.50 -4.10
N VAL A 250 3.39 -31.90 -3.70
CA VAL A 250 4.56 -31.76 -4.56
C VAL A 250 5.20 -33.13 -4.79
N PRO A 251 5.99 -33.29 -5.88
CA PRO A 251 6.71 -34.54 -6.13
C PRO A 251 7.87 -34.74 -5.16
N SER A 252 7.94 -35.92 -4.52
CA SER A 252 9.00 -36.18 -3.55
C SER A 252 10.41 -35.97 -4.13
N GLY A 253 11.20 -35.12 -3.48
CA GLY A 253 12.50 -34.73 -3.96
C GLY A 253 12.53 -33.31 -4.53
N GLN A 254 11.35 -32.62 -4.63
CA GLN A 254 11.20 -31.34 -5.33
C GLN A 254 10.76 -30.20 -4.41
N GLU A 255 10.76 -30.44 -3.11
CA GLU A 255 10.23 -29.54 -2.10
C GLU A 255 10.83 -28.16 -2.27
N GLN A 256 12.13 -28.11 -2.57
CA GLN A 256 12.89 -26.89 -2.52
C GLN A 256 12.40 -25.91 -3.58
N ARG A 257 11.77 -26.39 -4.65
CA ARG A 257 11.34 -25.42 -5.66
C ARG A 257 10.27 -24.49 -5.09
N TYR A 258 9.65 -24.85 -3.96
CA TYR A 258 8.37 -24.32 -3.54
C TYR A 258 8.56 -23.26 -2.46
N THR A 259 7.92 -22.09 -2.68
CA THR A 259 7.84 -21.08 -1.65
C THR A 259 6.39 -20.74 -1.31
N CYS A 260 6.19 -20.39 -0.03
CA CYS A 260 4.93 -19.89 0.48
C CYS A 260 5.09 -18.42 0.82
N HIS A 261 4.14 -17.59 0.34
CA HIS A 261 4.19 -16.13 0.36
C HIS A 261 2.97 -15.62 1.13
N VAL A 262 3.24 -14.77 2.15
CA VAL A 262 2.33 -14.32 3.19
C VAL A 262 2.31 -12.79 3.21
N GLN A 263 1.16 -12.19 2.84
CA GLN A 263 0.94 -10.74 2.94
C GLN A 263 -0.03 -10.47 4.07
N HIS A 264 0.24 -9.43 4.84
CA HIS A 264 -0.62 -9.06 5.96
C HIS A 264 -0.24 -7.64 6.39
N GLU A 265 -1.16 -6.88 6.96
CA GLU A 265 -0.81 -5.52 7.34
C GLU A 265 0.34 -5.53 8.36
N GLY A 266 0.52 -6.66 9.03
CA GLY A 266 1.54 -6.81 10.06
C GLY A 266 2.89 -7.09 9.44
N LEU A 267 2.94 -7.34 8.14
CA LEU A 267 4.23 -7.60 7.51
C LEU A 267 4.58 -6.48 6.52
N PRO A 268 5.33 -5.43 6.96
CA PRO A 268 5.79 -4.35 6.09
C PRO A 268 6.28 -4.99 4.79
N LYS A 269 7.14 -6.00 4.94
CA LYS A 269 7.66 -6.75 3.81
C LYS A 269 7.07 -8.16 3.87
N PRO A 270 6.37 -8.59 2.80
CA PRO A 270 5.80 -9.94 2.72
C PRO A 270 6.84 -11.02 3.00
N LEU A 271 6.42 -12.08 3.67
CA LEU A 271 7.27 -13.17 4.09
C LEU A 271 7.34 -14.22 3.00
N THR A 272 8.54 -14.79 2.83
CA THR A 272 8.72 -15.96 1.99
C THR A 272 9.15 -17.12 2.88
N LEU A 273 8.40 -18.23 2.83
CA LEU A 273 8.81 -19.44 3.54
C LEU A 273 9.12 -20.52 2.52
N ARG A 274 10.26 -21.19 2.72
CA ARG A 274 10.66 -22.36 1.93
C ARG A 274 10.97 -23.49 2.89
N TRP A 275 10.64 -24.71 2.51
CA TRP A 275 11.01 -25.83 3.35
C TRP A 275 12.53 -26.00 3.35
N GLU A 276 13.13 -25.74 2.17
CA GLU A 276 14.56 -25.67 1.86
C GLU A 276 14.95 -26.88 1.00
N MET B 1 -35.84 -20.04 -1.30
CA MET B 1 -35.19 -20.98 -0.35
C MET B 1 -33.90 -21.48 -1.00
N ILE B 2 -32.76 -21.06 -0.45
CA ILE B 2 -31.46 -21.53 -0.89
C ILE B 2 -30.77 -22.19 0.27
N GLN B 3 -30.31 -23.43 0.07
CA GLN B 3 -29.76 -24.17 1.20
C GLN B 3 -28.28 -24.46 0.94
N ARG B 4 -27.42 -24.27 1.95
CA ARG B 4 -26.02 -24.62 1.79
C ARG B 4 -25.52 -25.46 2.96
N THR B 5 -24.65 -26.43 2.64
CA THR B 5 -24.03 -27.34 3.57
C THR B 5 -22.85 -26.66 4.27
N PRO B 6 -22.71 -26.83 5.60
CA PRO B 6 -21.59 -26.23 6.33
C PRO B 6 -20.22 -26.89 6.07
N LYS B 7 -19.17 -26.06 6.09
CA LYS B 7 -17.80 -26.48 6.19
C LYS B 7 -17.50 -26.70 7.66
N ILE B 8 -16.59 -27.66 7.91
CA ILE B 8 -16.22 -27.96 9.28
C ILE B 8 -14.71 -27.95 9.40
N GLN B 9 -14.25 -27.21 10.41
CA GLN B 9 -12.86 -27.26 10.83
C GLN B 9 -12.80 -27.48 12.35
N VAL B 10 -12.05 -28.54 12.76
CA VAL B 10 -11.68 -28.88 14.14
C VAL B 10 -10.20 -28.57 14.38
N TYR B 11 -9.87 -27.91 15.50
CA TYR B 11 -8.55 -27.38 15.77
C TYR B 11 -8.49 -26.80 17.19
N SER B 12 -7.28 -26.39 17.60
CA SER B 12 -7.05 -25.82 18.93
C SER B 12 -6.79 -24.31 18.85
N ARG B 13 -7.07 -23.60 19.95
CA ARG B 13 -6.77 -22.19 20.04
C ARG B 13 -5.27 -21.91 19.92
N HIS B 14 -4.43 -22.61 20.73
CA HIS B 14 -2.98 -22.42 20.73
C HIS B 14 -2.32 -23.68 20.21
N PRO B 15 -1.02 -23.69 19.81
CA PRO B 15 -0.31 -24.94 19.50
C PRO B 15 -0.47 -25.88 20.68
N ALA B 16 -0.91 -27.11 20.41
CA ALA B 16 -1.18 -28.14 21.42
C ALA B 16 0.12 -28.74 21.96
N GLU B 17 0.27 -28.68 23.29
CA GLU B 17 1.25 -29.43 24.03
C GLU B 17 0.54 -30.24 25.12
N ASN B 18 0.94 -31.52 25.22
CA ASN B 18 0.49 -32.48 26.21
C ASN B 18 0.64 -31.92 27.61
N GLY B 19 -0.47 -31.91 28.36
CA GLY B 19 -0.47 -31.36 29.71
C GLY B 19 -0.50 -29.83 29.74
N LYS B 20 -0.75 -29.18 28.60
CA LYS B 20 -1.03 -27.75 28.66
C LYS B 20 -2.48 -27.50 28.30
N SER B 21 -3.18 -26.88 29.24
CA SER B 21 -4.54 -26.42 29.02
C SER B 21 -4.63 -25.60 27.73
N ASN B 22 -5.80 -25.70 27.06
CA ASN B 22 -6.03 -25.14 25.73
C ASN B 22 -7.53 -24.92 25.50
N PHE B 23 -7.88 -24.62 24.25
CA PHE B 23 -9.26 -24.64 23.77
C PHE B 23 -9.37 -25.52 22.53
N LEU B 24 -10.39 -26.40 22.52
CA LEU B 24 -10.77 -27.15 21.35
C LEU B 24 -11.88 -26.39 20.62
N ASN B 25 -11.71 -26.20 19.29
CA ASN B 25 -12.56 -25.37 18.44
C ASN B 25 -13.28 -26.26 17.42
N CYS B 26 -14.58 -25.99 17.21
CA CYS B 26 -15.26 -26.48 16.02
C CYS B 26 -15.91 -25.30 15.29
N TYR B 27 -15.29 -24.88 14.18
CA TYR B 27 -15.77 -23.73 13.43
C TYR B 27 -16.57 -24.26 12.25
N VAL B 28 -17.86 -23.89 12.20
CA VAL B 28 -18.74 -24.23 11.11
C VAL B 28 -19.18 -22.95 10.37
N SER B 29 -19.04 -22.98 9.04
CA SER B 29 -19.34 -21.85 8.16
C SER B 29 -19.96 -22.23 6.83
N GLY B 30 -20.46 -21.16 6.13
CA GLY B 30 -21.05 -21.17 4.81
C GLY B 30 -22.34 -21.97 4.75
N PHE B 31 -23.09 -22.11 5.86
CA PHE B 31 -24.30 -22.92 5.82
C PHE B 31 -25.57 -22.06 5.87
N HIS B 32 -26.67 -22.60 5.38
CA HIS B 32 -27.96 -21.99 5.55
C HIS B 32 -28.99 -23.12 5.40
N PRO B 33 -30.03 -23.21 6.22
CA PRO B 33 -30.39 -22.17 7.20
C PRO B 33 -29.56 -22.24 8.49
N SER B 34 -29.97 -21.48 9.51
CA SER B 34 -29.15 -21.26 10.69
C SER B 34 -29.15 -22.46 11.65
N ASP B 35 -30.26 -23.21 11.76
CA ASP B 35 -30.37 -24.27 12.76
C ASP B 35 -29.30 -25.31 12.46
N ILE B 36 -28.48 -25.59 13.47
CA ILE B 36 -27.48 -26.58 13.18
C ILE B 36 -27.20 -27.34 14.47
N GLU B 37 -26.46 -28.44 14.39
CA GLU B 37 -26.27 -29.16 15.65
C GLU B 37 -24.82 -29.51 15.68
N VAL B 38 -24.11 -28.90 16.62
CA VAL B 38 -22.70 -29.16 16.86
C VAL B 38 -22.52 -29.69 18.29
N ASP B 39 -21.69 -30.74 18.42
CA ASP B 39 -21.27 -31.33 19.69
C ASP B 39 -19.78 -31.60 19.64
N LEU B 40 -19.04 -31.33 20.71
CA LEU B 40 -17.66 -31.78 20.78
C LEU B 40 -17.61 -33.16 21.47
N LEU B 41 -16.64 -33.99 21.04
CA LEU B 41 -16.62 -35.36 21.49
C LEU B 41 -15.23 -35.66 22.08
N LYS B 42 -15.24 -36.36 23.21
CA LYS B 42 -14.02 -36.91 23.80
C LYS B 42 -14.11 -38.44 23.77
N ASN B 43 -13.15 -39.07 23.11
CA ASN B 43 -13.22 -40.51 22.83
C ASN B 43 -14.65 -40.97 22.48
N GLY B 44 -15.34 -40.22 21.61
CA GLY B 44 -16.68 -40.58 21.14
C GLY B 44 -17.79 -40.22 22.12
N GLU B 45 -17.44 -39.56 23.24
CA GLU B 45 -18.37 -39.17 24.29
C GLU B 45 -18.54 -37.65 24.21
N ARG B 46 -19.80 -37.21 24.29
CA ARG B 46 -20.17 -35.80 24.20
C ARG B 46 -19.69 -35.04 25.43
N ILE B 47 -18.90 -33.97 25.22
CA ILE B 47 -18.47 -33.09 26.29
C ILE B 47 -19.68 -32.24 26.70
N GLU B 48 -19.66 -31.78 27.96
CA GLU B 48 -20.84 -31.14 28.49
C GLU B 48 -20.67 -29.62 28.39
N LYS B 49 -19.65 -29.08 29.06
CA LYS B 49 -19.45 -27.64 29.16
C LYS B 49 -18.90 -27.11 27.83
N VAL B 50 -19.81 -26.72 26.93
CA VAL B 50 -19.45 -26.30 25.58
C VAL B 50 -20.15 -24.99 25.24
N GLU B 51 -19.37 -23.93 25.04
CA GLU B 51 -19.85 -22.61 24.68
C GLU B 51 -19.77 -22.44 23.15
N HIS B 52 -20.54 -21.49 22.61
CA HIS B 52 -20.48 -21.14 21.20
C HIS B 52 -20.68 -19.64 20.98
N SER B 53 -20.25 -19.14 19.84
CA SER B 53 -20.35 -17.72 19.53
C SER B 53 -21.80 -17.34 19.22
N ASP B 54 -22.04 -16.03 19.13
CA ASP B 54 -23.30 -15.43 18.72
C ASP B 54 -23.40 -15.57 17.20
N LEU B 55 -24.54 -16.01 16.71
CA LEU B 55 -24.67 -16.26 15.28
C LEU B 55 -24.41 -14.96 14.48
N SER B 56 -23.56 -15.07 13.44
CA SER B 56 -23.41 -14.04 12.42
C SER B 56 -23.28 -14.73 11.07
N PHE B 57 -23.14 -13.92 10.00
CA PHE B 57 -23.16 -14.37 8.64
C PHE B 57 -22.24 -13.50 7.80
N SER B 58 -22.00 -13.94 6.53
CA SER B 58 -21.01 -13.44 5.58
C SER B 58 -21.72 -12.69 4.45
N LYS B 59 -20.92 -12.16 3.52
CA LYS B 59 -21.35 -11.38 2.35
C LYS B 59 -22.37 -12.19 1.57
N ASP B 60 -22.25 -13.52 1.60
CA ASP B 60 -23.15 -14.29 0.78
C ASP B 60 -24.38 -14.68 1.60
N TRP B 61 -24.53 -14.15 2.80
CA TRP B 61 -25.59 -14.52 3.72
C TRP B 61 -25.44 -15.91 4.34
N SER B 62 -24.38 -16.69 4.11
CA SER B 62 -24.31 -17.96 4.89
C SER B 62 -23.87 -17.70 6.32
N PHE B 63 -24.37 -18.49 7.28
CA PHE B 63 -24.03 -18.49 8.73
C PHE B 63 -22.66 -19.09 9.06
N TYR B 64 -22.14 -18.68 10.24
CA TYR B 64 -20.95 -19.21 10.88
C TYR B 64 -21.05 -19.13 12.41
N LEU B 65 -20.38 -20.12 13.09
CA LEU B 65 -20.43 -20.30 14.54
C LEU B 65 -19.15 -20.95 15.05
N LEU B 66 -18.70 -20.43 16.20
CA LEU B 66 -17.56 -21.06 16.85
C LEU B 66 -18.02 -21.83 18.08
N TYR B 67 -17.87 -23.15 18.04
CA TYR B 67 -18.10 -24.01 19.22
C TYR B 67 -16.74 -24.23 19.86
N TYR B 68 -16.64 -24.04 21.21
CA TYR B 68 -15.40 -24.18 21.95
C TYR B 68 -15.57 -24.73 23.39
N THR B 69 -14.50 -25.31 23.92
CA THR B 69 -14.45 -25.88 25.27
C THR B 69 -13.01 -25.91 25.77
N GLU B 70 -12.86 -25.68 27.08
CA GLU B 70 -11.56 -25.87 27.71
C GLU B 70 -11.23 -27.37 27.73
N PHE B 71 -9.94 -27.68 27.52
CA PHE B 71 -9.42 -29.03 27.74
C PHE B 71 -7.90 -29.04 27.84
N THR B 72 -7.37 -30.13 28.44
CA THR B 72 -5.95 -30.39 28.49
C THR B 72 -5.69 -31.66 27.69
N PRO B 73 -5.20 -31.58 26.45
CA PRO B 73 -4.93 -32.78 25.64
C PRO B 73 -3.85 -33.73 26.18
N THR B 74 -3.78 -34.95 25.62
CA THR B 74 -2.94 -36.05 26.08
C THR B 74 -2.60 -36.98 24.90
N GLU B 75 -1.69 -37.95 25.09
CA GLU B 75 -1.36 -38.91 24.06
C GLU B 75 -2.58 -39.77 23.67
N LYS B 76 -3.36 -40.18 24.67
CA LYS B 76 -4.37 -41.21 24.53
C LYS B 76 -5.63 -40.64 23.85
N ASP B 77 -6.11 -39.51 24.39
CA ASP B 77 -7.45 -38.98 24.17
C ASP B 77 -7.66 -38.49 22.73
N GLU B 78 -8.68 -39.04 22.06
CA GLU B 78 -9.07 -38.58 20.74
C GLU B 78 -10.29 -37.66 20.83
N TYR B 79 -10.30 -36.66 19.94
CA TYR B 79 -11.36 -35.66 19.94
C TYR B 79 -11.99 -35.56 18.56
N ALA B 80 -13.31 -35.41 18.52
CA ALA B 80 -13.99 -35.08 17.27
C ALA B 80 -15.12 -34.06 17.47
N CYS B 81 -15.63 -33.55 16.34
CA CYS B 81 -16.79 -32.67 16.34
C CYS B 81 -17.91 -33.32 15.52
N ARG B 82 -19.15 -33.26 16.03
CA ARG B 82 -20.31 -33.86 15.38
C ARG B 82 -21.27 -32.75 14.91
N VAL B 83 -21.65 -32.82 13.62
CA VAL B 83 -22.47 -31.77 13.04
C VAL B 83 -23.66 -32.38 12.34
N ASN B 84 -24.83 -31.78 12.53
CA ASN B 84 -26.02 -32.17 11.80
C ASN B 84 -26.75 -30.92 11.33
N HIS B 85 -27.32 -31.00 10.12
CA HIS B 85 -27.86 -29.86 9.40
C HIS B 85 -28.75 -30.44 8.31
N VAL B 86 -29.87 -29.74 8.02
CA VAL B 86 -30.93 -30.21 7.12
C VAL B 86 -30.30 -30.64 5.81
N THR B 87 -29.11 -30.09 5.48
CA THR B 87 -28.48 -30.43 4.21
C THR B 87 -27.69 -31.74 4.31
N LEU B 88 -27.52 -32.27 5.53
CA LEU B 88 -26.81 -33.53 5.67
C LEU B 88 -27.79 -34.69 5.67
N SER B 89 -27.44 -35.79 4.98
CA SER B 89 -28.27 -36.98 5.01
C SER B 89 -28.12 -37.70 6.35
N GLN B 90 -26.97 -37.50 6.98
CA GLN B 90 -26.72 -38.03 8.30
C GLN B 90 -25.61 -37.20 8.95
N PRO B 91 -25.63 -37.09 10.30
CA PRO B 91 -24.63 -36.32 11.03
C PRO B 91 -23.21 -36.69 10.60
N LYS B 92 -22.43 -35.63 10.32
CA LYS B 92 -21.02 -35.73 9.97
C LYS B 92 -20.18 -35.64 11.24
N ILE B 93 -19.03 -36.34 11.21
CA ILE B 93 -18.03 -36.45 12.26
C ILE B 93 -16.68 -36.15 11.64
N VAL B 94 -15.93 -35.24 12.28
CA VAL B 94 -14.61 -34.82 11.85
C VAL B 94 -13.68 -34.89 13.06
N LYS B 95 -12.66 -35.76 13.00
CA LYS B 95 -11.65 -35.90 14.05
C LYS B 95 -10.66 -34.73 14.03
N TRP B 96 -10.21 -34.28 15.20
CA TRP B 96 -9.08 -33.37 15.32
C TRP B 96 -7.76 -34.07 14.95
N ASP B 97 -6.85 -33.33 14.28
CA ASP B 97 -5.60 -33.88 13.79
C ASP B 97 -4.46 -32.93 14.14
N ARG B 98 -3.55 -33.44 14.96
CA ARG B 98 -2.56 -32.67 15.72
C ARG B 98 -1.68 -31.82 14.81
N ASP B 99 -1.27 -32.37 13.65
CA ASP B 99 -0.31 -31.70 12.78
C ASP B 99 -1.00 -30.87 11.70
N MET B 100 -2.18 -31.33 11.25
CA MET B 100 -2.90 -30.77 10.11
C MET B 100 -4.36 -30.48 10.51
N GLY C 2 18.75 -2.07 1.78
CA GLY C 2 18.71 -0.85 2.65
C GLY C 2 17.45 -0.03 2.35
N SER C 3 17.53 1.30 2.50
CA SER C 3 16.33 2.13 2.48
C SER C 3 15.71 2.16 1.10
N HIS C 4 14.43 2.54 1.02
CA HIS C 4 13.89 2.86 -0.28
C HIS C 4 13.07 4.14 -0.25
N SER C 5 12.80 4.70 -1.43
CA SER C 5 11.93 5.86 -1.45
C SER C 5 11.15 5.89 -2.76
N MET C 6 9.97 6.51 -2.73
CA MET C 6 9.25 6.85 -3.95
C MET C 6 9.01 8.34 -3.98
N ARG C 7 9.20 8.98 -5.14
CA ARG C 7 9.20 10.42 -5.08
C ARG C 7 8.63 10.94 -6.39
N TYR C 8 7.71 11.92 -6.36
CA TYR C 8 7.25 12.47 -7.65
C TYR C 8 7.75 13.90 -7.77
N PHE C 9 8.06 14.36 -8.98
CA PHE C 9 8.60 15.70 -9.15
C PHE C 9 7.73 16.44 -10.20
N PHE C 10 7.33 17.70 -9.95
CA PHE C 10 6.45 18.40 -10.89
C PHE C 10 6.98 19.80 -11.20
N THR C 11 7.14 20.10 -12.48
CA THR C 11 7.61 21.43 -12.83
C THR C 11 6.57 22.08 -13.74
N SER C 12 6.21 23.34 -13.51
CA SER C 12 5.41 24.08 -14.48
C SER C 12 6.00 25.46 -14.74
N VAL C 13 6.22 25.83 -16.00
CA VAL C 13 6.88 27.07 -16.42
C VAL C 13 5.94 27.91 -17.30
N SER C 14 5.42 29.02 -16.81
CA SER C 14 4.56 29.83 -17.66
C SER C 14 5.37 30.45 -18.79
N ARG C 15 4.67 30.80 -19.87
CA ARG C 15 5.29 31.30 -21.09
C ARG C 15 4.29 32.30 -21.67
N PRO C 16 4.36 33.56 -21.23
CA PRO C 16 3.42 34.62 -21.65
C PRO C 16 3.31 34.90 -23.15
N GLY C 17 2.07 34.86 -23.67
CA GLY C 17 1.76 35.17 -25.06
C GLY C 17 1.94 34.01 -26.03
N ARG C 18 2.70 32.98 -25.59
CA ARG C 18 3.02 31.77 -26.34
C ARG C 18 2.29 30.57 -25.74
N GLY C 19 1.05 30.79 -25.25
CA GLY C 19 0.13 29.75 -24.84
C GLY C 19 0.21 29.36 -23.35
N GLU C 20 -0.20 28.11 -23.03
CA GLU C 20 -0.34 27.63 -21.68
C GLU C 20 1.00 27.23 -21.08
N PRO C 21 1.07 27.00 -19.76
CA PRO C 21 2.34 26.63 -19.12
C PRO C 21 2.76 25.22 -19.51
N ARG C 22 4.04 25.05 -19.84
CA ARG C 22 4.63 23.73 -20.05
C ARG C 22 4.73 23.00 -18.71
N PHE C 23 4.21 21.78 -18.66
CA PHE C 23 4.13 20.98 -17.44
C PHE C 23 4.86 19.63 -17.63
N ILE C 24 5.83 19.33 -16.77
CA ILE C 24 6.57 18.08 -16.85
C ILE C 24 6.43 17.40 -15.49
N ALA C 25 6.04 16.13 -15.49
CA ALA C 25 5.93 15.38 -14.27
C ALA C 25 6.77 14.12 -14.37
N VAL C 26 7.44 13.76 -13.27
CA VAL C 26 8.29 12.59 -13.34
C VAL C 26 8.15 11.89 -12.00
N GLY C 27 8.15 10.56 -11.98
CA GLY C 27 8.19 9.80 -10.74
C GLY C 27 9.43 8.89 -10.64
N TYR C 28 9.90 8.67 -9.43
CA TYR C 28 11.04 7.81 -9.30
C TYR C 28 10.79 6.89 -8.14
N VAL C 29 11.47 5.75 -8.17
CA VAL C 29 11.66 4.82 -7.08
C VAL C 29 13.17 4.69 -6.87
N ASP C 30 13.64 5.00 -5.65
CA ASP C 30 15.04 5.26 -5.40
C ASP C 30 15.60 6.11 -6.55
N ASP C 31 16.64 5.59 -7.22
CA ASP C 31 17.29 6.34 -8.28
C ASP C 31 16.82 5.95 -9.69
N THR C 32 15.82 5.07 -9.84
CA THR C 32 15.27 4.73 -11.16
C THR C 32 14.00 5.51 -11.50
N GLN C 33 13.98 6.13 -12.68
CA GLN C 33 12.75 6.75 -13.14
C GLN C 33 11.80 5.69 -13.71
N PHE C 34 10.50 5.78 -13.42
CA PHE C 34 9.62 4.73 -13.90
C PHE C 34 8.37 5.31 -14.51
N VAL C 35 8.18 6.63 -14.51
CA VAL C 35 6.98 7.19 -15.11
C VAL C 35 7.30 8.60 -15.60
N ARG C 36 6.46 9.24 -16.44
CA ARG C 36 6.65 10.64 -16.80
C ARG C 36 5.40 11.20 -17.47
N PHE C 37 5.33 12.51 -17.60
CA PHE C 37 4.28 13.12 -18.40
C PHE C 37 4.79 14.47 -18.89
N ASP C 38 4.58 14.74 -20.17
CA ASP C 38 5.03 15.99 -20.77
C ASP C 38 3.84 16.64 -21.46
N SER C 39 3.44 17.81 -20.97
CA SER C 39 2.32 18.57 -21.53
C SER C 39 2.54 18.86 -23.01
N ASP C 40 3.80 18.86 -23.46
CA ASP C 40 4.05 19.07 -24.88
C ASP C 40 4.14 17.77 -25.70
N ALA C 41 4.10 16.59 -25.06
CA ALA C 41 4.20 15.36 -25.82
C ALA C 41 2.86 15.05 -26.51
N ALA C 42 2.88 14.17 -27.52
CA ALA C 42 1.71 13.87 -28.33
C ALA C 42 0.66 13.17 -27.47
N SER C 43 1.09 12.22 -26.63
CA SER C 43 0.16 11.25 -26.06
C SER C 43 -0.84 11.86 -25.07
N GLN C 44 -0.39 12.80 -24.20
CA GLN C 44 -1.20 13.32 -23.11
C GLN C 44 -1.54 12.19 -22.14
N ARG C 45 -0.55 11.33 -21.91
CA ARG C 45 -0.79 10.19 -21.03
C ARG C 45 0.47 9.90 -20.22
N MET C 46 0.25 9.53 -18.98
CA MET C 46 1.36 9.05 -18.15
C MET C 46 1.97 7.85 -18.86
N GLU C 47 3.25 7.94 -19.21
CA GLU C 47 3.94 6.92 -19.98
C GLU C 47 4.94 6.18 -19.09
N PRO C 48 5.12 4.85 -19.26
CA PRO C 48 6.10 4.09 -18.50
C PRO C 48 7.50 4.50 -18.92
N ARG C 49 8.44 4.40 -17.97
CA ARG C 49 9.81 4.71 -18.34
C ARG C 49 10.72 3.65 -17.76
N ALA C 50 10.14 2.54 -17.33
CA ALA C 50 10.90 1.40 -16.92
C ALA C 50 10.01 0.19 -17.12
N PRO C 51 10.60 -1.03 -17.27
CA PRO C 51 9.86 -2.19 -17.72
C PRO C 51 8.86 -2.73 -16.67
N TRP C 52 9.20 -2.63 -15.38
CA TRP C 52 8.35 -3.26 -14.37
C TRP C 52 6.99 -2.56 -14.19
N ILE C 53 6.86 -1.29 -14.62
CA ILE C 53 5.59 -0.59 -14.56
C ILE C 53 4.70 -0.88 -15.77
N GLU C 54 5.24 -1.54 -16.79
CA GLU C 54 4.44 -1.87 -17.96
C GLU C 54 3.39 -2.93 -17.63
N GLN C 55 3.73 -3.92 -16.79
CA GLN C 55 2.84 -4.83 -16.07
C GLN C 55 1.49 -4.18 -15.68
N GLU C 56 1.48 -2.87 -15.41
CA GLU C 56 0.26 -2.27 -14.89
C GLU C 56 -0.82 -2.20 -15.98
N GLY C 57 -2.06 -2.55 -15.59
CA GLY C 57 -3.22 -2.60 -16.47
C GLY C 57 -3.84 -1.23 -16.70
N PRO C 58 -4.81 -1.13 -17.64
CA PRO C 58 -5.41 0.15 -18.07
C PRO C 58 -6.13 0.97 -17.02
N GLU C 59 -6.62 0.30 -15.97
CA GLU C 59 -7.15 1.01 -14.81
C GLU C 59 -6.07 1.92 -14.21
N TYR C 60 -4.93 1.32 -13.82
CA TYR C 60 -3.75 2.07 -13.41
C TYR C 60 -3.49 3.25 -14.35
N TRP C 61 -3.31 2.94 -15.64
CA TRP C 61 -2.91 3.96 -16.59
C TRP C 61 -3.93 5.10 -16.77
N ASP C 62 -5.23 4.86 -16.52
CA ASP C 62 -6.21 5.93 -16.73
C ASP C 62 -6.23 6.76 -15.46
N GLY C 63 -6.13 6.08 -14.31
CA GLY C 63 -6.03 6.79 -13.03
C GLY C 63 -4.91 7.84 -13.01
N GLU C 64 -3.70 7.38 -13.38
CA GLU C 64 -2.47 8.15 -13.24
C GLU C 64 -2.58 9.38 -14.12
N THR C 65 -2.99 9.17 -15.37
CA THR C 65 -3.33 10.21 -16.33
C THR C 65 -4.33 11.22 -15.77
N ARG C 66 -5.41 10.74 -15.14
CA ARG C 66 -6.47 11.60 -14.65
C ARG C 66 -5.88 12.53 -13.58
N LYS C 67 -5.12 11.93 -12.65
CA LYS C 67 -4.50 12.67 -11.55
C LYS C 67 -3.47 13.68 -12.05
N VAL C 68 -2.60 13.30 -13.00
CA VAL C 68 -1.50 14.15 -13.43
C VAL C 68 -1.97 15.37 -14.25
N LYS C 69 -3.09 15.20 -14.96
CA LYS C 69 -3.78 16.31 -15.62
C LYS C 69 -4.25 17.29 -14.56
N ALA C 70 -4.77 16.74 -13.45
CA ALA C 70 -5.30 17.52 -12.34
C ALA C 70 -4.23 18.36 -11.61
N HIS C 71 -3.13 17.71 -11.16
CA HIS C 71 -1.92 18.40 -10.76
C HIS C 71 -1.62 19.56 -11.72
N SER C 72 -1.62 19.29 -13.04
CA SER C 72 -1.26 20.29 -14.05
C SER C 72 -2.21 21.49 -14.03
N GLN C 73 -3.51 21.20 -13.89
CA GLN C 73 -4.54 22.21 -13.85
C GLN C 73 -4.24 23.12 -12.66
N THR C 74 -3.97 22.52 -11.50
CA THR C 74 -3.69 23.20 -10.25
C THR C 74 -2.52 24.20 -10.43
N HIS C 75 -1.39 23.75 -10.98
CA HIS C 75 -0.25 24.61 -11.25
C HIS C 75 -0.60 25.77 -12.19
N ARG C 76 -1.47 25.54 -13.20
CA ARG C 76 -1.90 26.59 -14.12
C ARG C 76 -2.52 27.74 -13.32
N VAL C 77 -3.35 27.37 -12.34
CA VAL C 77 -4.04 28.36 -11.55
C VAL C 77 -3.06 29.02 -10.58
N ASP C 78 -2.30 28.19 -9.81
CA ASP C 78 -1.28 28.62 -8.87
C ASP C 78 -0.34 29.66 -9.49
N LEU C 79 0.06 29.47 -10.74
CA LEU C 79 0.91 30.47 -11.38
C LEU C 79 0.19 31.82 -11.42
N GLY C 80 -1.11 31.82 -11.74
CA GLY C 80 -1.95 33.02 -11.70
C GLY C 80 -2.03 33.58 -10.30
N THR C 81 -2.42 32.73 -9.32
CA THR C 81 -2.54 33.16 -7.94
C THR C 81 -1.26 33.88 -7.44
N LEU C 82 -0.07 33.26 -7.66
CA LEU C 82 1.20 33.64 -7.06
C LEU C 82 1.74 34.91 -7.70
N ARG C 83 1.54 35.08 -9.01
CA ARG C 83 1.83 36.34 -9.69
C ARG C 83 1.05 37.51 -9.06
N GLY C 84 -0.14 37.23 -8.49
CA GLY C 84 -0.89 38.18 -7.68
C GLY C 84 -0.30 38.43 -6.28
N TYR C 85 0.02 37.35 -5.55
CA TYR C 85 0.50 37.45 -4.17
C TYR C 85 1.78 38.28 -4.07
N TYR C 86 2.57 38.37 -5.16
CA TYR C 86 3.86 39.04 -5.18
C TYR C 86 3.86 40.26 -6.11
N ASN C 87 2.70 40.62 -6.68
CA ASN C 87 2.52 41.84 -7.47
C ASN C 87 3.45 41.86 -8.68
N GLN C 88 3.39 40.79 -9.48
CA GLN C 88 4.21 40.64 -10.68
C GLN C 88 3.41 41.03 -11.93
N SER C 89 4.12 41.34 -13.02
CA SER C 89 3.63 42.13 -14.15
C SER C 89 2.96 41.33 -15.26
N GLU C 90 3.04 39.99 -15.23
CA GLU C 90 2.36 39.11 -16.19
C GLU C 90 3.20 38.95 -17.47
N ALA C 91 4.34 39.64 -17.57
CA ALA C 91 5.16 39.63 -18.78
C ALA C 91 6.37 38.68 -18.70
N GLY C 92 6.77 38.22 -17.51
CA GLY C 92 7.95 37.39 -17.42
C GLY C 92 7.61 35.94 -17.11
N SER C 93 8.54 35.03 -17.41
CA SER C 93 8.37 33.61 -17.15
C SER C 93 8.54 33.29 -15.67
N HIS C 94 7.65 32.45 -15.09
CA HIS C 94 7.68 32.10 -13.67
C HIS C 94 7.59 30.60 -13.46
N THR C 95 8.14 30.10 -12.35
CA THR C 95 8.29 28.66 -12.20
C THR C 95 7.71 28.20 -10.87
N VAL C 96 6.87 27.19 -10.93
CA VAL C 96 6.42 26.61 -9.68
C VAL C 96 7.04 25.21 -9.53
N GLN C 97 7.18 24.62 -8.46
CA GLN C 97 7.58 23.19 -8.49
C GLN C 97 6.94 22.37 -7.39
N ARG C 98 6.66 21.13 -7.47
CA ARG C 98 6.09 20.48 -6.60
C ARG C 98 6.92 19.16 -6.50
N MET C 99 7.22 18.64 -5.24
CA MET C 99 7.91 17.40 -4.84
C MET C 99 7.18 16.75 -3.67
N TYR C 100 6.93 15.43 -3.73
CA TYR C 100 6.39 14.73 -2.57
C TYR C 100 6.71 13.24 -2.63
N GLY C 101 6.77 12.57 -1.47
CA GLY C 101 6.96 11.14 -1.49
C GLY C 101 7.18 10.55 -0.10
N CYS C 102 7.73 9.33 -0.02
CA CYS C 102 7.78 8.60 1.24
C CYS C 102 9.05 7.75 1.28
N ASP C 103 9.63 7.61 2.47
CA ASP C 103 10.82 6.80 2.58
C ASP C 103 10.39 5.58 3.37
N VAL C 104 11.10 4.47 3.29
CA VAL C 104 10.89 3.29 4.11
C VAL C 104 12.29 2.74 4.31
N GLY C 105 12.45 1.78 5.22
CA GLY C 105 13.79 1.30 5.55
C GLY C 105 14.01 -0.08 4.99
N SER C 106 15.10 -0.74 5.44
CA SER C 106 15.49 -2.11 5.10
C SER C 106 14.34 -3.09 5.32
N ASP C 107 13.63 -2.99 6.44
CA ASP C 107 12.51 -3.87 6.75
C ASP C 107 11.23 -3.41 6.02
N TRP C 108 11.29 -2.28 5.29
CA TRP C 108 10.17 -1.70 4.56
C TRP C 108 9.20 -0.95 5.46
N ARG C 109 9.59 -0.59 6.70
CA ARG C 109 8.67 0.18 7.55
C ARG C 109 8.76 1.66 7.18
N PHE C 110 7.69 2.41 7.46
CA PHE C 110 7.55 3.81 7.10
C PHE C 110 8.44 4.71 7.98
N LEU C 111 9.36 5.45 7.36
CA LEU C 111 10.32 6.32 8.04
C LEU C 111 9.82 7.76 8.00
N ARG C 112 9.57 8.30 6.80
CA ARG C 112 9.24 9.72 6.70
C ARG C 112 8.38 9.96 5.46
N GLY C 113 7.59 11.03 5.48
CA GLY C 113 6.92 11.44 4.25
C GLY C 113 7.23 12.92 4.06
N TYR C 114 6.93 13.51 2.90
CA TYR C 114 7.31 14.89 2.66
C TYR C 114 6.50 15.51 1.54
N HIS C 115 6.25 16.80 1.60
CA HIS C 115 5.53 17.47 0.53
C HIS C 115 5.90 18.94 0.57
N GLN C 116 6.55 19.46 -0.47
CA GLN C 116 7.18 20.78 -0.48
C GLN C 116 6.74 21.57 -1.71
N TYR C 117 6.88 22.89 -1.67
CA TYR C 117 6.46 23.66 -2.83
C TYR C 117 7.47 24.75 -3.00
N ALA C 118 7.98 24.98 -4.20
CA ALA C 118 8.90 26.08 -4.45
C ALA C 118 8.30 27.02 -5.52
N TYR C 119 8.70 28.30 -5.56
CA TYR C 119 8.31 29.27 -6.60
C TYR C 119 9.52 30.11 -7.03
N ASP C 120 9.77 30.26 -8.33
CA ASP C 120 10.96 30.96 -8.83
C ASP C 120 12.29 30.52 -8.16
N GLY C 121 12.43 29.22 -7.87
CA GLY C 121 13.67 28.60 -7.41
C GLY C 121 14.01 28.90 -5.95
N LYS C 122 12.99 29.01 -5.07
CA LYS C 122 13.11 29.20 -3.63
C LYS C 122 11.88 28.56 -2.96
N ASP C 123 12.01 28.14 -1.69
CA ASP C 123 10.90 27.48 -0.99
C ASP C 123 9.69 28.41 -0.95
N TYR C 124 8.46 27.85 -0.97
CA TYR C 124 7.24 28.65 -0.77
C TYR C 124 6.45 28.20 0.45
N ILE C 125 5.97 26.96 0.46
CA ILE C 125 5.39 26.38 1.66
C ILE C 125 5.78 24.90 1.70
N ALA C 126 5.88 24.29 2.88
CA ALA C 126 6.22 22.86 2.92
C ALA C 126 5.51 22.16 4.08
N LEU C 127 5.25 20.87 3.97
CA LEU C 127 4.66 20.16 5.10
C LEU C 127 5.77 19.80 6.10
N LYS C 128 5.52 19.98 7.40
CA LYS C 128 6.46 19.70 8.47
C LYS C 128 6.56 18.19 8.73
N GLU C 129 7.67 17.70 9.32
CA GLU C 129 7.91 16.26 9.44
C GLU C 129 6.76 15.51 10.12
N ASP C 130 5.93 16.18 10.92
CA ASP C 130 4.87 15.50 11.68
C ASP C 130 3.70 15.21 10.74
N LEU C 131 3.73 15.94 9.62
CA LEU C 131 2.70 15.90 8.58
C LEU C 131 1.37 16.47 9.10
N ARG C 132 1.42 17.37 10.10
CA ARG C 132 0.20 17.88 10.72
C ARG C 132 0.12 19.39 10.57
N SER C 133 1.20 19.96 10.03
CA SER C 133 1.38 21.40 10.08
C SER C 133 2.20 21.87 8.88
N TRP C 134 2.33 23.20 8.73
CA TRP C 134 2.93 23.84 7.58
C TRP C 134 4.03 24.82 8.02
N THR C 135 4.98 25.10 7.12
CA THR C 135 6.01 26.12 7.32
C THR C 135 5.94 27.03 6.12
N ALA C 136 5.57 28.27 6.33
CA ALA C 136 5.44 29.19 5.19
C ALA C 136 6.79 29.88 5.10
N ALA C 137 7.37 29.96 3.91
CA ALA C 137 8.75 30.39 3.89
C ALA C 137 8.86 31.91 4.03
N ASP C 138 7.75 32.64 3.73
CA ASP C 138 7.71 34.10 3.68
C ASP C 138 6.27 34.58 3.94
N MET C 139 6.10 35.91 3.91
CA MET C 139 4.83 36.61 4.18
C MET C 139 3.77 36.19 3.19
N ALA C 140 4.06 36.34 1.88
CA ALA C 140 3.10 35.98 0.85
C ALA C 140 2.54 34.58 1.09
N ALA C 141 3.29 33.67 1.75
CA ALA C 141 2.94 32.25 1.72
C ALA C 141 2.10 31.80 2.91
N GLN C 142 1.83 32.69 3.86
CA GLN C 142 0.87 32.42 4.92
C GLN C 142 -0.54 32.41 4.38
N THR C 143 -0.82 33.23 3.35
CA THR C 143 -2.16 33.23 2.77
C THR C 143 -2.53 31.78 2.45
N THR C 144 -1.66 31.13 1.67
CA THR C 144 -1.83 29.73 1.27
C THR C 144 -1.83 28.84 2.51
N LYS C 145 -1.06 29.22 3.53
CA LYS C 145 -0.99 28.34 4.69
C LYS C 145 -2.34 28.26 5.38
N HIS C 146 -2.98 29.44 5.52
CA HIS C 146 -4.26 29.59 6.20
C HIS C 146 -5.33 28.79 5.48
N LYS C 147 -5.43 29.04 4.17
CA LYS C 147 -6.39 28.35 3.33
C LYS C 147 -6.25 26.84 3.55
N TRP C 148 -5.00 26.36 3.69
CA TRP C 148 -4.67 24.94 3.70
C TRP C 148 -4.99 24.31 5.05
N GLU C 149 -4.68 25.03 6.13
CA GLU C 149 -5.17 24.67 7.45
C GLU C 149 -6.70 24.67 7.48
N ALA C 150 -7.34 25.64 6.82
CA ALA C 150 -8.80 25.77 6.88
C ALA C 150 -9.46 24.51 6.28
N ALA C 151 -8.86 24.00 5.21
CA ALA C 151 -9.27 22.85 4.40
C ALA C 151 -8.95 21.50 5.08
N HIS C 152 -8.02 21.48 6.04
CA HIS C 152 -7.54 20.22 6.63
C HIS C 152 -6.79 19.37 5.62
N VAL C 153 -6.11 20.04 4.68
CA VAL C 153 -5.35 19.42 3.61
C VAL C 153 -4.31 18.48 4.21
N ALA C 154 -3.77 18.84 5.38
CA ALA C 154 -2.69 18.07 5.98
C ALA C 154 -3.17 16.66 6.29
N GLU C 155 -4.42 16.56 6.75
CA GLU C 155 -4.90 15.29 7.26
C GLU C 155 -4.93 14.29 6.11
N GLN C 156 -5.03 14.82 4.88
CA GLN C 156 -5.25 14.04 3.67
C GLN C 156 -3.92 13.52 3.15
N LEU C 157 -2.95 14.42 3.03
CA LEU C 157 -1.60 14.00 2.64
C LEU C 157 -1.02 13.02 3.66
N ARG C 158 -1.35 13.19 4.93
CA ARG C 158 -0.78 12.28 5.92
C ARG C 158 -1.24 10.85 5.61
N ALA C 159 -2.54 10.73 5.30
CA ALA C 159 -3.21 9.49 4.93
C ALA C 159 -2.50 8.90 3.71
N TYR C 160 -2.40 9.69 2.64
CA TYR C 160 -1.64 9.29 1.46
C TYR C 160 -0.23 8.81 1.84
N LEU C 161 0.50 9.62 2.64
CA LEU C 161 1.94 9.47 2.83
C LEU C 161 2.29 8.31 3.74
N GLU C 162 1.37 7.98 4.66
CA GLU C 162 1.66 6.97 5.67
C GLU C 162 1.07 5.65 5.18
N GLY C 163 0.18 5.78 4.20
CA GLY C 163 -0.52 4.61 3.69
C GLY C 163 -0.30 4.32 2.21
N THR C 164 -1.04 5.03 1.34
CA THR C 164 -1.09 4.75 -0.08
C THR C 164 0.32 4.72 -0.66
N CYS C 165 1.04 5.85 -0.52
CA CYS C 165 2.39 6.01 -1.01
C CYS C 165 3.27 4.82 -0.63
N VAL C 166 3.20 4.40 0.63
CA VAL C 166 4.11 3.42 1.16
C VAL C 166 3.72 2.07 0.59
N GLU C 167 2.44 1.97 0.20
CA GLU C 167 1.88 0.68 -0.18
C GLU C 167 2.26 0.37 -1.64
N TRP C 168 2.07 1.38 -2.51
CA TRP C 168 2.50 1.30 -3.88
C TRP C 168 4.02 1.13 -4.00
N LEU C 169 4.79 1.92 -3.24
CA LEU C 169 6.23 1.71 -3.17
C LEU C 169 6.53 0.23 -2.83
N ARG C 170 5.81 -0.36 -1.87
CA ARG C 170 6.16 -1.74 -1.54
C ARG C 170 5.85 -2.65 -2.71
N ARG C 171 4.86 -2.27 -3.51
CA ARG C 171 4.42 -3.14 -4.58
C ARG C 171 5.39 -3.08 -5.78
N TYR C 172 5.70 -1.87 -6.23
CA TYR C 172 6.79 -1.59 -7.15
C TYR C 172 8.08 -2.29 -6.75
N LEU C 173 8.41 -2.35 -5.46
CA LEU C 173 9.66 -3.00 -5.10
C LEU C 173 9.63 -4.48 -5.46
N GLU C 174 8.46 -5.13 -5.35
CA GLU C 174 8.47 -6.56 -5.61
C GLU C 174 8.35 -6.81 -7.12
N ASN C 175 7.48 -6.03 -7.75
CA ASN C 175 7.30 -6.18 -9.17
C ASN C 175 8.56 -5.78 -9.93
N GLY C 176 9.33 -4.84 -9.38
CA GLY C 176 10.59 -4.44 -10.00
C GLY C 176 11.81 -5.07 -9.32
N LYS C 177 11.66 -6.28 -8.73
CA LYS C 177 12.64 -6.91 -7.85
C LYS C 177 14.01 -7.03 -8.51
N GLU C 178 14.03 -7.51 -9.76
CA GLU C 178 15.28 -7.80 -10.46
C GLU C 178 16.11 -6.52 -10.60
N THR C 179 15.46 -5.36 -10.76
CA THR C 179 16.14 -4.07 -10.91
C THR C 179 16.23 -3.28 -9.59
N LEU C 180 15.14 -3.18 -8.80
CA LEU C 180 15.09 -2.13 -7.80
C LEU C 180 15.77 -2.58 -6.52
N GLN C 181 15.88 -3.87 -6.32
CA GLN C 181 16.45 -4.39 -5.10
C GLN C 181 17.82 -5.02 -5.37
N ARG C 182 18.45 -4.68 -6.52
CA ARG C 182 19.81 -5.12 -6.86
C ARG C 182 20.82 -4.10 -6.35
N THR C 183 22.02 -4.57 -6.00
CA THR C 183 23.16 -3.70 -5.73
C THR C 183 24.24 -4.00 -6.77
N ASP C 184 24.69 -2.97 -7.49
CA ASP C 184 25.84 -3.14 -8.37
C ASP C 184 27.04 -2.43 -7.73
N ALA C 185 28.03 -3.21 -7.29
CA ALA C 185 29.20 -2.69 -6.63
C ALA C 185 29.91 -1.77 -7.61
N PRO C 186 30.56 -0.66 -7.21
CA PRO C 186 31.44 0.05 -8.15
C PRO C 186 32.66 -0.76 -8.59
N LYS C 187 32.93 -0.77 -9.92
CA LYS C 187 34.25 -1.06 -10.46
C LYS C 187 35.19 0.12 -10.21
N THR C 188 36.38 -0.17 -9.66
CA THR C 188 37.29 0.82 -9.10
C THR C 188 38.69 0.67 -9.70
N HIS C 189 39.39 1.79 -9.75
CA HIS C 189 40.75 1.81 -10.29
C HIS C 189 41.31 3.21 -10.10
N MET C 190 42.65 3.24 -10.06
CA MET C 190 43.36 4.51 -9.87
C MET C 190 44.20 4.82 -11.10
N THR C 191 44.17 6.13 -11.46
CA THR C 191 45.01 6.68 -12.51
C THR C 191 45.96 7.72 -11.91
N HIS C 192 47.06 7.96 -12.62
CA HIS C 192 48.09 8.93 -12.24
C HIS C 192 48.34 9.93 -13.38
N HIS C 193 48.45 11.21 -13.07
CA HIS C 193 48.71 12.18 -14.15
C HIS C 193 49.66 13.29 -13.68
N ALA C 194 50.80 13.47 -14.37
CA ALA C 194 51.80 14.44 -13.92
C ALA C 194 51.31 15.87 -14.09
N VAL C 195 51.56 16.71 -13.08
CA VAL C 195 51.30 18.15 -13.17
C VAL C 195 52.59 18.88 -13.60
N SER C 196 53.68 18.62 -12.88
CA SER C 196 55.01 19.14 -13.15
C SER C 196 55.99 18.04 -12.71
N ASP C 197 57.24 18.43 -12.44
CA ASP C 197 58.19 17.51 -11.84
C ASP C 197 58.02 17.53 -10.32
N HIS C 198 57.16 18.42 -9.80
CA HIS C 198 57.00 18.57 -8.35
C HIS C 198 55.77 17.84 -7.80
N GLU C 199 54.74 17.69 -8.61
CA GLU C 199 53.42 17.28 -8.17
C GLU C 199 52.77 16.34 -9.20
N ALA C 200 51.81 15.55 -8.75
CA ALA C 200 51.09 14.61 -9.59
C ALA C 200 49.68 14.50 -9.04
N THR C 201 48.74 14.11 -9.89
CA THR C 201 47.37 13.97 -9.47
C THR C 201 47.06 12.49 -9.47
N LEU C 202 46.58 11.97 -8.32
CA LEU C 202 45.95 10.69 -8.31
C LEU C 202 44.46 10.90 -8.43
N ARG C 203 43.84 10.00 -9.22
CA ARG C 203 42.41 9.99 -9.42
C ARG C 203 41.92 8.58 -9.07
N CYS C 204 40.87 8.54 -8.26
CA CYS C 204 40.17 7.34 -7.89
C CYS C 204 38.78 7.38 -8.52
N TRP C 205 38.50 6.38 -9.38
CA TRP C 205 37.33 6.07 -10.16
C TRP C 205 36.42 5.03 -9.54
N ALA C 206 35.14 5.42 -9.50
CA ALA C 206 34.10 4.44 -9.32
C ALA C 206 33.12 4.51 -10.49
N LEU C 207 32.89 3.34 -11.09
CA LEU C 207 32.10 3.17 -12.28
C LEU C 207 31.10 2.02 -12.05
N SER C 208 29.95 2.15 -12.68
CA SER C 208 28.91 1.15 -12.91
C SER C 208 28.22 0.72 -11.65
N PHE C 209 28.13 1.58 -10.62
CA PHE C 209 27.57 1.14 -9.35
C PHE C 209 26.06 1.48 -9.30
N TYR C 210 25.29 0.68 -8.54
CA TYR C 210 23.89 1.04 -8.27
C TYR C 210 23.58 0.56 -6.87
N PRO C 211 22.91 1.35 -5.98
CA PRO C 211 22.44 2.72 -6.26
C PRO C 211 23.43 3.88 -6.16
N ALA C 212 22.93 5.10 -6.45
CA ALA C 212 23.80 6.27 -6.69
C ALA C 212 24.62 6.67 -5.45
N GLU C 213 24.11 6.43 -4.23
CA GLU C 213 24.75 6.73 -2.97
C GLU C 213 26.11 6.02 -2.95
N ILE C 214 27.17 6.81 -2.66
CA ILE C 214 28.54 6.35 -2.60
C ILE C 214 29.39 7.33 -1.80
N THR C 215 30.47 6.82 -1.18
CA THR C 215 31.48 7.65 -0.52
C THR C 215 32.90 7.31 -1.04
N LEU C 216 33.58 8.33 -1.53
CA LEU C 216 34.97 8.34 -1.95
C LEU C 216 35.71 9.34 -1.08
N THR C 217 36.74 8.87 -0.39
CA THR C 217 37.50 9.78 0.46
C THR C 217 38.96 9.36 0.47
N TRP C 218 39.83 10.37 0.50
CA TRP C 218 41.28 10.29 0.50
C TRP C 218 41.79 10.36 1.92
N GLN C 219 42.84 9.57 2.21
CA GLN C 219 43.59 9.65 3.45
C GLN C 219 45.07 9.86 3.14
N ARG C 220 45.78 10.60 4.00
CA ARG C 220 47.22 10.71 3.92
C ARG C 220 47.78 10.13 5.21
N ASP C 221 48.66 9.11 5.13
CA ASP C 221 49.12 8.33 6.26
C ASP C 221 48.02 8.07 7.27
N GLY C 222 46.97 7.39 6.86
CA GLY C 222 45.92 7.05 7.82
C GLY C 222 45.06 8.25 8.25
N GLU C 223 45.10 9.38 7.53
CA GLU C 223 44.47 10.56 8.08
C GLU C 223 43.66 11.29 7.01
N ASP C 224 42.43 11.61 7.38
CA ASP C 224 41.52 12.34 6.51
C ASP C 224 42.26 13.48 5.81
N GLN C 225 42.21 13.43 4.49
CA GLN C 225 42.86 14.44 3.70
C GLN C 225 41.76 15.04 2.81
N THR C 226 41.48 16.33 3.01
CA THR C 226 40.50 17.05 2.22
C THR C 226 41.17 18.20 1.46
N GLN C 227 42.35 18.62 1.91
CA GLN C 227 43.03 19.71 1.22
C GLN C 227 43.70 19.16 -0.04
N ASP C 228 43.66 19.93 -1.13
CA ASP C 228 44.25 19.59 -2.43
C ASP C 228 43.49 18.49 -3.19
N THR C 229 42.25 18.20 -2.77
CA THR C 229 41.39 17.20 -3.37
C THR C 229 40.28 17.87 -4.20
N GLU C 230 39.78 17.14 -5.19
CA GLU C 230 38.64 17.56 -5.98
C GLU C 230 37.74 16.35 -6.25
N LEU C 231 36.44 16.52 -5.99
CA LEU C 231 35.38 15.52 -6.04
C LEU C 231 34.31 15.99 -7.03
N VAL C 232 34.04 15.17 -8.06
CA VAL C 232 32.94 15.43 -8.97
C VAL C 232 31.64 14.86 -8.39
N GLU C 233 30.56 15.61 -8.66
CA GLU C 233 29.20 15.21 -8.42
C GLU C 233 29.02 13.87 -9.11
N THR C 234 28.30 12.96 -8.45
CA THR C 234 27.94 11.68 -9.03
C THR C 234 27.03 11.91 -10.23
N ARG C 235 27.37 11.27 -11.33
CA ARG C 235 26.77 11.46 -12.60
C ARG C 235 26.19 10.13 -13.12
N PRO C 236 25.08 10.24 -13.87
CA PRO C 236 24.48 9.08 -14.55
C PRO C 236 25.28 8.62 -15.77
N ALA C 237 25.46 7.30 -15.93
CA ALA C 237 26.16 6.75 -17.08
C ALA C 237 25.20 6.70 -18.30
N GLY C 238 23.92 6.48 -18.01
CA GLY C 238 22.94 6.45 -19.08
C GLY C 238 22.31 5.08 -19.26
N ASP C 239 22.86 4.10 -18.53
CA ASP C 239 22.43 2.73 -18.65
C ASP C 239 21.84 2.25 -17.33
N GLY C 240 21.41 3.16 -16.48
CA GLY C 240 20.92 2.75 -15.16
C GLY C 240 21.95 2.88 -14.02
N THR C 241 23.26 2.99 -14.32
CA THR C 241 24.25 3.02 -13.28
C THR C 241 24.83 4.43 -13.22
N PHE C 242 25.62 4.67 -12.14
CA PHE C 242 26.21 5.95 -11.85
C PHE C 242 27.74 5.79 -11.85
N GLN C 243 28.42 6.95 -11.96
CA GLN C 243 29.86 7.12 -11.97
C GLN C 243 30.25 8.30 -11.08
N LYS C 244 31.46 8.17 -10.55
CA LYS C 244 32.06 9.22 -9.76
C LYS C 244 33.58 8.98 -9.71
N TRP C 245 34.34 10.08 -9.50
CA TRP C 245 35.75 10.08 -9.16
C TRP C 245 36.12 11.18 -8.17
N ALA C 246 37.31 11.03 -7.60
CA ALA C 246 37.88 11.92 -6.58
C ALA C 246 39.37 11.95 -6.83
N ALA C 247 39.96 13.13 -6.71
CA ALA C 247 41.33 13.35 -7.11
C ALA C 247 42.00 14.13 -6.00
N VAL C 248 43.29 13.82 -5.82
CA VAL C 248 44.12 14.59 -4.90
C VAL C 248 45.44 14.92 -5.58
N VAL C 249 45.95 16.13 -5.34
CA VAL C 249 47.24 16.51 -5.91
C VAL C 249 48.31 16.24 -4.87
N VAL C 250 49.35 15.49 -5.22
CA VAL C 250 50.37 15.09 -4.26
C VAL C 250 51.76 15.54 -4.68
N PRO C 251 52.69 15.76 -3.74
CA PRO C 251 54.09 15.87 -4.16
C PRO C 251 54.67 14.56 -4.72
N SER C 252 55.44 14.74 -5.79
CA SER C 252 56.23 13.70 -6.43
C SER C 252 57.19 13.03 -5.46
N GLY C 253 57.31 11.72 -5.50
CA GLY C 253 58.03 11.03 -4.44
C GLY C 253 57.10 10.63 -3.31
N GLN C 254 55.85 11.17 -3.24
CA GLN C 254 55.09 10.89 -2.01
C GLN C 254 53.79 10.14 -2.24
N GLU C 255 53.63 9.60 -3.44
CA GLU C 255 52.43 8.88 -3.81
C GLU C 255 52.08 7.79 -2.81
N GLN C 256 53.06 7.12 -2.15
CA GLN C 256 52.83 5.87 -1.43
C GLN C 256 52.09 6.19 -0.13
N ARG C 257 51.88 7.49 0.14
CA ARG C 257 51.36 7.87 1.43
C ARG C 257 49.86 8.08 1.32
N TYR C 258 49.29 7.93 0.12
CA TYR C 258 47.88 8.27 0.07
C TYR C 258 47.01 7.03 -0.11
N THR C 259 45.80 6.99 0.43
CA THR C 259 44.82 5.98 0.08
C THR C 259 43.44 6.59 -0.24
N CYS C 260 42.77 5.92 -1.19
CA CYS C 260 41.39 6.11 -1.60
C CYS C 260 40.48 5.06 -0.94
N HIS C 261 39.36 5.52 -0.36
CA HIS C 261 38.44 4.66 0.40
C HIS C 261 37.08 4.80 -0.28
N VAL C 262 36.43 3.66 -0.47
CA VAL C 262 35.21 3.58 -1.24
C VAL C 262 34.22 2.79 -0.38
N GLN C 263 33.08 3.44 -0.18
CA GLN C 263 32.00 2.91 0.60
C GLN C 263 30.77 2.90 -0.28
N HIS C 264 30.19 1.69 -0.41
CA HIS C 264 29.00 1.48 -1.22
C HIS C 264 28.21 0.26 -0.72
N GLU C 265 26.89 0.42 -0.75
CA GLU C 265 25.99 -0.57 -0.18
C GLU C 265 26.29 -1.96 -0.77
N GLY C 266 26.75 -1.98 -2.03
CA GLY C 266 26.99 -3.25 -2.67
C GLY C 266 28.35 -3.82 -2.31
N LEU C 267 29.11 -3.14 -1.44
CA LEU C 267 30.43 -3.66 -1.06
C LEU C 267 30.32 -4.25 0.33
N PRO C 268 30.65 -5.54 0.44
CA PRO C 268 30.76 -6.24 1.72
C PRO C 268 31.60 -5.44 2.71
N LYS C 269 32.93 -5.40 2.48
CA LYS C 269 33.86 -4.58 3.27
C LYS C 269 34.16 -3.34 2.43
N PRO C 270 34.39 -2.15 3.03
CA PRO C 270 34.78 -0.95 2.26
C PRO C 270 36.17 -1.14 1.65
N LEU C 271 36.43 -0.50 0.49
CA LEU C 271 37.67 -0.73 -0.24
C LEU C 271 38.68 0.39 0.00
N THR C 272 39.97 0.03 -0.04
CA THR C 272 41.10 0.95 0.02
C THR C 272 42.02 0.70 -1.18
N LEU C 273 42.34 1.75 -1.95
CA LEU C 273 43.19 1.72 -3.15
C LEU C 273 44.39 2.64 -2.93
N ARG C 274 45.55 2.13 -3.38
CA ARG C 274 46.87 2.68 -3.24
C ARG C 274 47.46 2.68 -4.65
N TRP C 275 48.14 3.77 -5.03
CA TRP C 275 48.94 3.79 -6.22
C TRP C 275 50.12 2.80 -6.13
N GLU C 276 50.76 2.75 -4.97
CA GLU C 276 51.98 2.00 -4.75
C GLU C 276 52.17 1.83 -3.23
N MET D 1 13.29 35.77 -7.26
CA MET D 1 13.85 34.90 -8.31
C MET D 1 15.29 34.46 -7.97
N ILE D 2 15.46 33.21 -7.54
CA ILE D 2 16.79 32.64 -7.39
C ILE D 2 17.22 32.04 -8.73
N GLN D 3 18.37 32.48 -9.29
CA GLN D 3 18.92 31.93 -10.52
C GLN D 3 20.21 31.20 -10.20
N ARG D 4 20.55 30.08 -10.90
CA ARG D 4 21.80 29.37 -10.66
C ARG D 4 22.39 28.88 -11.98
N THR D 5 23.71 28.98 -12.10
CA THR D 5 24.35 28.59 -13.34
C THR D 5 24.63 27.07 -13.29
N PRO D 6 24.61 26.40 -14.45
CA PRO D 6 24.73 24.94 -14.49
C PRO D 6 26.13 24.42 -14.21
N LYS D 7 26.20 23.29 -13.50
CA LYS D 7 27.36 22.40 -13.58
C LYS D 7 27.28 21.67 -14.91
N ILE D 8 28.46 21.30 -15.45
CA ILE D 8 28.64 20.57 -16.70
C ILE D 8 29.70 19.47 -16.49
N GLN D 9 29.45 18.26 -17.00
CA GLN D 9 30.46 17.22 -17.11
C GLN D 9 30.21 16.55 -18.45
N VAL D 10 31.25 16.33 -19.25
CA VAL D 10 31.20 15.58 -20.50
C VAL D 10 32.05 14.33 -20.27
N TYR D 11 31.51 13.17 -20.65
CA TYR D 11 32.13 11.88 -20.39
C TYR D 11 31.35 10.87 -21.23
N SER D 12 31.94 9.66 -21.38
CA SER D 12 31.38 8.53 -22.11
C SER D 12 30.66 7.61 -21.15
N ARG D 13 29.74 6.79 -21.70
CA ARG D 13 29.00 5.87 -20.88
C ARG D 13 29.91 4.77 -20.29
N HIS D 14 30.86 4.31 -21.07
CA HIS D 14 31.65 3.11 -20.89
C HIS D 14 33.11 3.59 -20.95
N PRO D 15 34.10 2.76 -20.53
CA PRO D 15 35.51 3.03 -20.79
C PRO D 15 35.81 3.29 -22.28
N ALA D 16 36.40 4.46 -22.58
CA ALA D 16 36.57 4.86 -23.97
C ALA D 16 37.62 3.99 -24.66
N GLU D 17 37.32 3.54 -25.88
CA GLU D 17 38.22 2.76 -26.71
C GLU D 17 38.16 3.24 -28.16
N ASN D 18 39.26 3.79 -28.72
CA ASN D 18 39.17 4.31 -30.09
C ASN D 18 38.68 3.21 -31.02
N GLY D 19 37.68 3.58 -31.85
CA GLY D 19 37.09 2.70 -32.85
C GLY D 19 35.95 1.85 -32.29
N LYS D 20 35.56 2.09 -31.04
CA LYS D 20 34.50 1.30 -30.44
C LYS D 20 33.32 2.23 -30.17
N SER D 21 32.20 2.02 -30.84
CA SER D 21 30.95 2.72 -30.59
C SER D 21 30.62 2.73 -29.09
N ASN D 22 30.08 3.86 -28.60
CA ASN D 22 29.94 4.24 -27.19
C ASN D 22 28.88 5.37 -27.16
N PHE D 23 28.73 6.02 -25.99
CA PHE D 23 27.71 7.04 -25.79
C PHE D 23 28.38 8.26 -25.18
N LEU D 24 28.19 9.41 -25.83
CA LEU D 24 28.77 10.64 -25.32
C LEU D 24 27.70 11.28 -24.48
N ASN D 25 28.04 11.61 -23.21
CA ASN D 25 27.15 12.25 -22.24
C ASN D 25 27.65 13.66 -21.96
N CYS D 26 26.69 14.57 -21.91
CA CYS D 26 26.84 15.88 -21.32
C CYS D 26 25.77 15.94 -20.23
N TYR D 27 26.22 15.88 -18.97
CA TYR D 27 25.27 15.98 -17.88
C TYR D 27 25.27 17.38 -17.24
N VAL D 28 24.12 18.05 -17.17
CA VAL D 28 24.11 19.44 -16.72
C VAL D 28 23.19 19.53 -15.53
N SER D 29 23.63 20.30 -14.52
CA SER D 29 22.89 20.21 -13.28
C SER D 29 23.09 21.50 -12.51
N GLY D 30 22.34 21.62 -11.42
CA GLY D 30 22.43 22.73 -10.50
C GLY D 30 22.05 24.09 -11.15
N PHE D 31 21.19 24.11 -12.19
CA PHE D 31 20.75 25.36 -12.77
C PHE D 31 19.33 25.73 -12.36
N HIS D 32 18.97 26.99 -12.62
CA HIS D 32 17.60 27.47 -12.51
C HIS D 32 17.62 28.87 -13.12
N PRO D 33 16.69 29.30 -14.00
CA PRO D 33 15.52 28.53 -14.42
C PRO D 33 15.91 27.32 -15.27
N SER D 34 14.90 26.53 -15.69
CA SER D 34 15.02 25.26 -16.41
C SER D 34 15.41 25.38 -17.89
N ASP D 35 14.93 26.43 -18.60
CA ASP D 35 15.22 26.67 -20.02
C ASP D 35 16.73 26.66 -20.23
N ILE D 36 17.21 25.78 -21.10
CA ILE D 36 18.64 25.60 -21.30
C ILE D 36 18.83 25.10 -22.73
N GLU D 37 19.95 25.46 -23.35
CA GLU D 37 20.24 24.99 -24.69
C GLU D 37 21.53 24.17 -24.57
N VAL D 38 21.54 22.90 -24.98
CA VAL D 38 22.72 22.05 -24.93
C VAL D 38 22.91 21.35 -26.28
N ASP D 39 24.09 21.48 -26.90
CA ASP D 39 24.44 20.74 -28.11
C ASP D 39 25.71 19.90 -27.87
N LEU D 40 25.74 18.69 -28.43
CA LEU D 40 27.01 17.98 -28.47
C LEU D 40 27.72 18.30 -29.79
N LEU D 41 29.06 18.42 -29.75
CA LEU D 41 29.82 18.78 -30.92
C LEU D 41 30.81 17.66 -31.26
N LYS D 42 30.98 17.47 -32.57
CA LYS D 42 32.03 16.62 -33.10
C LYS D 42 32.81 17.50 -34.04
N ASN D 43 34.11 17.59 -33.76
CA ASN D 43 35.00 18.48 -34.46
C ASN D 43 34.25 19.77 -34.77
N GLY D 44 33.73 20.43 -33.73
CA GLY D 44 33.14 21.75 -33.80
C GLY D 44 31.77 21.78 -34.48
N GLU D 45 31.31 20.65 -35.00
CA GLU D 45 30.02 20.70 -35.67
C GLU D 45 28.95 20.02 -34.81
N ARG D 46 27.74 20.56 -34.87
CA ARG D 46 26.63 20.17 -34.02
C ARG D 46 26.18 18.75 -34.37
N ILE D 47 25.93 17.89 -33.36
CA ILE D 47 25.40 16.57 -33.66
C ILE D 47 23.87 16.68 -33.69
N GLU D 48 23.22 15.95 -34.60
CA GLU D 48 21.82 16.16 -34.95
C GLU D 48 20.91 15.16 -34.19
N LYS D 49 21.36 13.93 -33.96
CA LYS D 49 20.46 12.98 -33.29
C LYS D 49 20.78 12.91 -31.81
N VAL D 50 20.28 13.87 -31.05
CA VAL D 50 20.70 14.03 -29.67
C VAL D 50 19.50 13.94 -28.71
N GLU D 51 19.60 12.97 -27.80
CA GLU D 51 18.50 12.72 -26.90
C GLU D 51 18.80 13.31 -25.52
N HIS D 52 17.75 13.36 -24.67
CA HIS D 52 17.86 13.98 -23.36
C HIS D 52 16.80 13.42 -22.43
N SER D 53 17.16 13.43 -21.16
CA SER D 53 16.30 12.80 -20.17
C SER D 53 15.16 13.78 -19.85
N ASP D 54 14.21 13.30 -19.05
CA ASP D 54 13.09 14.09 -18.61
C ASP D 54 13.55 14.98 -17.45
N LEU D 55 13.26 16.28 -17.63
CA LEU D 55 13.50 17.32 -16.66
C LEU D 55 13.14 16.85 -15.26
N SER D 56 14.10 17.02 -14.35
CA SER D 56 13.90 16.74 -12.94
C SER D 56 14.78 17.66 -12.11
N PHE D 57 14.65 17.61 -10.79
CA PHE D 57 15.37 18.56 -9.97
C PHE D 57 15.80 17.89 -8.68
N SER D 58 16.71 18.59 -8.01
CA SER D 58 17.37 18.13 -6.82
C SER D 58 16.78 18.80 -5.58
N LYS D 59 17.38 18.45 -4.46
CA LYS D 59 16.79 18.95 -3.26
C LYS D 59 16.61 20.46 -3.30
N ASP D 60 17.61 21.17 -3.77
CA ASP D 60 17.62 22.62 -3.60
C ASP D 60 16.77 23.29 -4.69
N TRP D 61 15.90 22.51 -5.35
CA TRP D 61 15.10 22.95 -6.52
C TRP D 61 15.88 23.17 -7.82
N SER D 62 17.22 22.93 -7.82
CA SER D 62 17.99 23.09 -9.06
C SER D 62 17.80 21.86 -9.93
N PHE D 63 17.84 22.09 -11.25
CA PHE D 63 17.38 21.18 -12.30
C PHE D 63 18.55 20.39 -12.83
N TYR D 64 18.26 19.20 -13.37
CA TYR D 64 19.39 18.49 -13.94
C TYR D 64 18.92 17.87 -15.24
N LEU D 65 19.84 17.64 -16.20
CA LEU D 65 19.46 16.91 -17.40
C LEU D 65 20.70 16.14 -17.90
N LEU D 66 20.46 15.02 -18.62
CA LEU D 66 21.48 14.22 -19.29
C LEU D 66 21.24 14.31 -20.77
N TYR D 67 22.23 14.83 -21.51
CA TYR D 67 22.21 14.84 -22.96
C TYR D 67 23.21 13.78 -23.44
N TYR D 68 22.76 12.99 -24.45
CA TYR D 68 23.42 11.77 -24.87
C TYR D 68 23.16 11.40 -26.34
N THR D 69 24.18 10.75 -26.95
CA THR D 69 24.15 10.29 -28.32
C THR D 69 25.22 9.20 -28.49
N GLU D 70 25.03 8.36 -29.51
CA GLU D 70 26.03 7.35 -29.87
C GLU D 70 27.21 8.12 -30.45
N PHE D 71 28.40 7.58 -30.25
CA PHE D 71 29.59 8.03 -30.94
C PHE D 71 30.66 6.92 -30.88
N THR D 72 31.67 7.09 -31.76
CA THR D 72 32.89 6.30 -31.85
C THR D 72 34.07 7.24 -31.68
N PRO D 73 34.76 7.16 -30.55
CA PRO D 73 35.94 8.01 -30.36
C PRO D 73 37.16 7.43 -31.08
N THR D 74 37.97 8.33 -31.63
CA THR D 74 39.16 8.10 -32.44
C THR D 74 40.26 9.04 -31.96
N GLU D 75 41.47 8.93 -32.53
CA GLU D 75 42.63 9.69 -32.06
C GLU D 75 42.58 11.12 -32.60
N LYS D 76 41.82 11.33 -33.69
CA LYS D 76 41.82 12.62 -34.37
C LYS D 76 40.57 13.46 -34.03
N ASP D 77 39.46 12.82 -33.71
CA ASP D 77 38.21 13.55 -33.57
C ASP D 77 38.16 14.20 -32.18
N GLU D 78 37.73 15.45 -32.14
CA GLU D 78 37.54 16.14 -30.88
C GLU D 78 36.03 16.28 -30.65
N TYR D 79 35.62 16.23 -29.38
CA TYR D 79 34.22 16.26 -29.02
C TYR D 79 34.06 17.21 -27.85
N ALA D 80 32.91 17.89 -27.84
CA ALA D 80 32.73 18.92 -26.83
C ALA D 80 31.23 19.08 -26.54
N CYS D 81 30.88 19.60 -25.34
CA CYS D 81 29.54 20.04 -25.01
C CYS D 81 29.44 21.59 -24.97
N ARG D 82 28.35 22.15 -25.53
CA ARG D 82 28.11 23.60 -25.59
C ARG D 82 26.82 23.94 -24.86
N VAL D 83 26.91 24.75 -23.81
CA VAL D 83 25.73 25.06 -23.02
C VAL D 83 25.48 26.56 -23.09
N ASN D 84 24.19 26.95 -23.13
CA ASN D 84 23.75 28.33 -22.96
C ASN D 84 22.57 28.36 -21.98
N HIS D 85 22.61 29.40 -21.14
CA HIS D 85 21.69 29.64 -20.04
C HIS D 85 21.61 31.15 -19.77
N VAL D 86 20.48 31.60 -19.19
CA VAL D 86 20.34 33.03 -18.90
C VAL D 86 21.42 33.55 -17.94
N THR D 87 21.88 32.73 -16.96
CA THR D 87 22.98 33.07 -16.07
C THR D 87 24.31 33.19 -16.84
N LEU D 88 24.35 32.90 -18.16
CA LEU D 88 25.62 32.97 -18.90
C LEU D 88 25.62 34.11 -19.94
N SER D 89 26.66 34.97 -19.95
CA SER D 89 26.68 36.05 -20.92
C SER D 89 27.03 35.51 -22.30
N GLN D 90 27.91 34.50 -22.31
CA GLN D 90 28.35 33.82 -23.52
C GLN D 90 28.35 32.30 -23.28
N PRO D 91 27.87 31.50 -24.27
CA PRO D 91 27.89 30.03 -24.19
C PRO D 91 29.17 29.32 -23.68
N LYS D 92 29.00 28.33 -22.81
CA LYS D 92 30.18 27.67 -22.28
C LYS D 92 30.52 26.44 -23.12
N ILE D 93 31.78 26.26 -23.48
CA ILE D 93 32.12 24.98 -24.09
C ILE D 93 32.93 24.12 -23.12
N VAL D 94 32.63 22.82 -23.00
CA VAL D 94 33.46 21.88 -22.26
C VAL D 94 33.86 20.74 -23.19
N LYS D 95 35.17 20.53 -23.27
CA LYS D 95 35.73 19.57 -24.21
C LYS D 95 35.70 18.20 -23.55
N TRP D 96 35.40 17.19 -24.34
CA TRP D 96 35.53 15.85 -23.78
C TRP D 96 37.00 15.58 -23.48
N ASP D 97 37.28 14.96 -22.32
CA ASP D 97 38.61 14.47 -22.00
C ASP D 97 38.51 13.09 -21.36
N ARG D 98 39.10 12.07 -22.00
CA ARG D 98 38.82 10.69 -21.63
C ARG D 98 39.38 10.34 -20.24
N ASP D 99 40.39 11.09 -19.80
CA ASP D 99 40.94 10.88 -18.47
C ASP D 99 40.24 11.84 -17.48
N MET D 100 39.86 13.02 -18.03
CA MET D 100 39.15 14.09 -17.34
C MET D 100 40.10 14.91 -16.46
N HIS E 1 -23.54 1.69 17.45
CA HIS E 1 -24.70 2.59 17.42
C HIS E 1 -25.56 2.18 16.25
N MET E 2 -26.73 1.57 16.52
CA MET E 2 -27.69 1.23 15.49
C MET E 2 -28.47 2.48 15.02
N THR E 3 -29.14 2.28 13.90
CA THR E 3 -29.86 3.29 13.17
C THR E 3 -31.19 3.26 13.87
N GLU E 4 -31.97 4.37 13.75
CA GLU E 4 -33.37 4.43 14.16
C GLU E 4 -34.34 3.81 13.13
N VAL E 5 -33.84 3.52 11.94
CA VAL E 5 -34.76 3.16 10.89
C VAL E 5 -35.09 1.67 11.01
N VAL E 6 -36.37 1.40 11.25
CA VAL E 6 -36.87 0.05 11.40
C VAL E 6 -38.11 -0.12 10.52
N ARG E 7 -38.12 0.47 9.31
CA ARG E 7 -39.31 0.37 8.49
C ARG E 7 -39.62 -1.09 8.11
N ARG E 8 -40.91 -1.45 8.12
CA ARG E 8 -41.50 -2.71 7.68
C ARG E 8 -41.50 -2.90 6.16
N CYS E 9 -41.05 -4.11 5.73
CA CYS E 9 -41.03 -4.62 4.35
C CYS E 9 -42.48 -4.42 3.84
N HIS F 1 2.29 5.54 -7.39
CA HIS F 1 0.85 5.96 -7.31
C HIS F 1 0.76 7.40 -6.80
N MET F 2 0.37 8.33 -7.69
CA MET F 2 0.20 9.74 -7.32
C MET F 2 -0.95 9.93 -6.33
N THR F 3 -0.85 10.92 -5.45
CA THR F 3 -1.97 11.33 -4.59
C THR F 3 -3.10 11.93 -5.41
N GLU F 4 -4.26 12.07 -4.75
CA GLU F 4 -5.43 12.74 -5.32
C GLU F 4 -5.44 14.22 -4.93
N VAL F 5 -4.86 14.56 -3.77
CA VAL F 5 -4.86 15.91 -3.26
C VAL F 5 -4.20 16.84 -4.28
N VAL F 6 -4.95 17.84 -4.75
CA VAL F 6 -4.47 18.83 -5.71
C VAL F 6 -4.97 20.23 -5.37
N ARG F 7 -4.98 20.57 -4.07
CA ARG F 7 -5.59 21.80 -3.61
C ARG F 7 -4.79 23.01 -4.10
N ARG F 8 -5.51 24.04 -4.57
CA ARG F 8 -4.90 25.29 -4.99
C ARG F 8 -4.37 26.03 -3.79
N CYS F 9 -3.31 26.81 -4.05
CA CYS F 9 -2.66 27.58 -3.00
C CYS F 9 -3.34 28.96 -2.87
#